data_7NQ4
#
_entry.id   7NQ4
#
_cell.length_a   161.840
_cell.length_b   56.960
_cell.length_c   102.960
_cell.angle_alpha   90.000
_cell.angle_beta   124.935
_cell.angle_gamma   90.000
#
_symmetry.space_group_name_H-M   'C 1 2 1'
#
loop_
_entity.id
_entity.type
_entity.pdbx_description
1 polymer 'Queuine tRNA-ribosyltransferase catalytic subunit 1'
2 polymer 'Queuine tRNA-ribosyltransferase accessory subunit 2'
3 polymer RNA
4 non-polymer 'ZINC ION'
5 non-polymer 9-DEAZAGUANINE
6 water water
#
loop_
_entity_poly.entity_id
_entity_poly.type
_entity_poly.pdbx_seq_one_letter_code
_entity_poly.pdbx_strand_id
1 'polypeptide(L)'
;GPMAGAATQASLESAPRIMRLVAECSRSRARAGELWLPHGTVATPVFMPVGTQATMKGITTEQLDALGCRICLGNTYHLG
LRPGPELIQKANGLHGFMNWPHNLLTDSGGFQMVSLVSLSEVTEEGVRFRSPYDGNETLLSPEKSVQIQNALGSDIIMQL
DDVVSSTVTGPRVEEAMYRSIRWLDRCIAAHQRPDKQNLFAIIQGGLDADLRATCLEEMTKRDVPGFAIGGLSGGESKSQ
FWRMVALSTSRLPKDKPRYLMGVGYATDLVVCVALGCDMFDCVFPTRTARFGSALVPTGNLQLRKKVFEKDFGPIDPECT
CPTCQKHSRAFLHALLHSDNTAALHHLTVHNIAYQLQLMSAVRTSIVEKRFPDFVRDFMGAMYGDPTLCPTWATDALASV
GITLG
;
A
2 'polypeptide(L)'
;MKLSLTKVVNGCRLGKIKNLGKTGDHTMDIPGCLLYTKTGSAPHLTHHTLHNIHGVPAMAQLTLSSLAEHHEVLTEYKEG
VGKFIGMPESLLYCSLHDPVSPCPAGYVTNKSVSVWSVAGRVEMTVSKFMAIQKALQPDWFQCLSDGEVSCKEATSIKRV
RKSVDRSLLFLDNCLRLQEESEVLQKSVIIGVIEGGDVMEERLRSARETAKRPVGGFLLDGFQGNPTTLEARLRLLSSVT
AELPEDKPRLISGVSRPDEVLECIERGVDLFESFFPYQVTERGCALTFSFDYQPNPEETLLQQNGTQEEIKCMDQIKKIE
TTGCNQEITSFEINLKEKKYQEDFNPLVRGCSCYCCKNHTRAYIHHLLVTNELLAGVLLMMHNFEHYFGFFHYIREALKS
DKLAQLKELIHRQAS
;
B
3 'polyribonucleotide' AGCACGGCUGUAAACCGUGC C
#
loop_
_chem_comp.id
_chem_comp.type
_chem_comp.name
_chem_comp.formula
9DG non-polymer 9-DEAZAGUANINE 'C6 H6 N4 O'
A RNA linking ADENOSINE-5'-MONOPHOSPHATE 'C10 H14 N5 O7 P'
C RNA linking CYTIDINE-5'-MONOPHOSPHATE 'C9 H14 N3 O8 P'
G RNA linking GUANOSINE-5'-MONOPHOSPHATE 'C10 H14 N5 O8 P'
U RNA linking URIDINE-5'-MONOPHOSPHATE 'C9 H13 N2 O9 P'
ZN non-polymer 'ZINC ION' 'Zn 2'
#
# COMPACT_ATOMS: atom_id res chain seq x y z
N PRO A 16 -10.58 -9.97 -39.36
CA PRO A 16 -9.64 -9.41 -38.38
C PRO A 16 -9.52 -10.28 -37.14
N ARG A 17 -8.32 -10.82 -36.89
CA ARG A 17 -8.09 -11.72 -35.75
C ARG A 17 -7.14 -11.08 -34.74
N ILE A 18 -7.60 -10.99 -33.49
CA ILE A 18 -6.94 -10.18 -32.47
C ILE A 18 -5.83 -10.97 -31.79
N MET A 19 -5.83 -12.29 -31.99
CA MET A 19 -4.83 -13.16 -31.38
C MET A 19 -3.96 -13.78 -32.47
N ARG A 20 -2.63 -13.67 -32.33
CA ARG A 20 -1.72 -14.32 -33.26
C ARG A 20 -1.12 -15.54 -32.56
N LEU A 21 -1.40 -16.74 -33.08
CA LEU A 21 -0.90 -17.93 -32.44
C LEU A 21 0.59 -18.09 -32.73
N VAL A 22 1.32 -18.75 -31.82
CA VAL A 22 2.77 -18.85 -31.93
C VAL A 22 3.20 -20.32 -31.87
N ALA A 23 2.79 -21.02 -30.82
CA ALA A 23 3.26 -22.39 -30.59
C ALA A 23 2.15 -23.23 -29.97
N GLU A 24 2.31 -24.54 -30.02
CA GLU A 24 1.26 -25.45 -29.58
C GLU A 24 1.90 -26.76 -29.12
N CYS A 25 1.84 -27.01 -27.81
CA CYS A 25 2.23 -28.31 -27.29
C CYS A 25 1.43 -29.38 -28.02
N SER A 26 2.13 -30.26 -28.74
CA SER A 26 1.48 -31.26 -29.57
C SER A 26 0.65 -32.22 -28.71
N ARG A 27 1.19 -32.59 -27.55
CA ARG A 27 0.54 -33.56 -26.70
C ARG A 27 -0.80 -33.01 -26.18
N SER A 28 -0.81 -31.75 -25.72
CA SER A 28 -2.00 -31.18 -25.08
C SER A 28 -2.63 -30.09 -25.94
N ARG A 29 -3.44 -29.23 -25.31
CA ARG A 29 -4.13 -28.15 -26.00
C ARG A 29 -3.47 -26.82 -25.65
N ALA A 30 -2.33 -26.89 -24.93
CA ALA A 30 -1.67 -25.69 -24.43
C ALA A 30 -1.25 -24.80 -25.60
N ARG A 31 -1.57 -23.51 -25.51
CA ARG A 31 -1.31 -22.59 -26.60
C ARG A 31 -0.54 -21.37 -26.09
N ALA A 32 0.41 -20.89 -26.92
CA ALA A 32 1.09 -19.63 -26.66
C ALA A 32 0.78 -18.66 -27.81
N GLY A 33 0.59 -17.38 -27.47
CA GLY A 33 0.13 -16.43 -28.46
C GLY A 33 0.19 -14.98 -28.00
N GLU A 34 -0.31 -14.08 -28.84
CA GLU A 34 -0.25 -12.66 -28.57
C GLU A 34 -1.59 -12.04 -28.91
N LEU A 35 -2.04 -11.11 -28.07
CA LEU A 35 -3.26 -10.35 -28.35
C LEU A 35 -2.85 -8.97 -28.82
N TRP A 36 -3.32 -8.60 -30.01
CA TRP A 36 -3.02 -7.31 -30.58
C TRP A 36 -4.18 -6.37 -30.28
N LEU A 37 -3.97 -5.51 -29.27
CA LEU A 37 -4.99 -4.62 -28.76
C LEU A 37 -4.59 -3.17 -28.99
N PRO A 38 -5.53 -2.20 -29.01
CA PRO A 38 -5.21 -0.78 -29.21
C PRO A 38 -4.15 -0.16 -28.30
N HIS A 39 -3.92 -0.76 -27.12
CA HIS A 39 -3.00 -0.23 -26.12
C HIS A 39 -1.79 -1.14 -25.96
N GLY A 40 -1.46 -1.92 -27.00
CA GLY A 40 -0.22 -2.68 -27.02
C GLY A 40 -0.47 -4.19 -27.03
N THR A 41 0.58 -4.95 -27.35
CA THR A 41 0.49 -6.40 -27.45
C THR A 41 0.52 -7.01 -26.05
N VAL A 42 -0.22 -8.10 -25.88
CA VAL A 42 -0.31 -8.82 -24.63
C VAL A 42 0.07 -10.27 -24.91
N ALA A 43 1.11 -10.78 -24.23
CA ALA A 43 1.50 -12.17 -24.38
C ALA A 43 0.49 -13.07 -23.69
N THR A 44 0.20 -14.22 -24.30
CA THR A 44 -0.73 -15.21 -23.74
C THR A 44 -0.02 -16.56 -23.66
N PRO A 45 -0.38 -17.48 -22.73
CA PRO A 45 -1.44 -17.27 -21.75
C PRO A 45 -1.13 -16.13 -20.78
N VAL A 46 -2.18 -15.49 -20.28
CA VAL A 46 -2.07 -14.28 -19.49
C VAL A 46 -2.95 -14.41 -18.25
N PHE A 47 -2.41 -14.01 -17.09
CA PHE A 47 -3.28 -13.81 -15.93
C PHE A 47 -3.55 -12.33 -15.81
N MET A 48 -4.80 -11.98 -15.51
CA MET A 48 -5.20 -10.59 -15.48
C MET A 48 -5.63 -10.17 -14.07
N PRO A 49 -4.81 -9.39 -13.33
CA PRO A 49 -5.18 -8.89 -12.00
C PRO A 49 -6.48 -8.07 -12.07
N VAL A 50 -7.29 -8.17 -11.01
CA VAL A 50 -8.60 -7.54 -11.01
C VAL A 50 -8.62 -6.34 -10.08
N GLY A 51 -8.60 -5.14 -10.66
CA GLY A 51 -8.87 -3.94 -9.88
C GLY A 51 -10.22 -3.40 -10.32
N THR A 52 -11.20 -3.38 -9.41
CA THR A 52 -12.61 -3.29 -9.74
C THR A 52 -13.02 -1.82 -9.86
N GLN A 53 -12.61 -1.01 -8.88
CA GLN A 53 -13.05 0.37 -8.86
C GLN A 53 -11.91 1.25 -9.38
N ALA A 54 -11.35 0.85 -10.54
CA ALA A 54 -10.33 1.67 -11.17
C ALA A 54 -9.09 1.79 -10.30
N THR A 55 -8.76 0.73 -9.56
CA THR A 55 -7.62 0.71 -8.66
C THR A 55 -7.18 -0.74 -8.46
N MET A 56 -5.86 -0.95 -8.32
CA MET A 56 -5.33 -2.27 -8.04
C MET A 56 -5.22 -2.49 -6.53
N LYS A 57 -6.09 -1.86 -5.73
CA LYS A 57 -6.25 -2.17 -4.31
C LYS A 57 -4.94 -2.03 -3.53
N GLY A 58 -4.30 -0.86 -3.65
CA GLY A 58 -3.18 -0.52 -2.79
C GLY A 58 -1.87 -0.20 -3.52
N ILE A 59 -1.79 -0.55 -4.82
CA ILE A 59 -0.58 -0.30 -5.58
C ILE A 59 -0.83 0.78 -6.65
N THR A 60 0.21 1.58 -6.91
CA THR A 60 0.17 2.62 -7.93
C THR A 60 0.31 1.98 -9.31
N THR A 61 -0.25 2.64 -10.34
CA THR A 61 -0.14 2.15 -11.69
C THR A 61 1.33 1.94 -12.09
N GLU A 62 2.25 2.75 -11.54
CA GLU A 62 3.68 2.56 -11.78
C GLU A 62 4.13 1.19 -11.27
N GLN A 63 3.66 0.79 -10.08
CA GLN A 63 4.06 -0.49 -9.50
C GLN A 63 3.55 -1.65 -10.35
N LEU A 64 2.34 -1.50 -10.93
CA LEU A 64 1.82 -2.51 -11.83
C LEU A 64 2.62 -2.51 -13.14
N ASP A 65 2.95 -1.30 -13.61
CA ASP A 65 3.67 -1.14 -14.84
C ASP A 65 5.02 -1.87 -14.74
N ALA A 66 5.65 -1.74 -13.58
CA ALA A 66 6.94 -2.35 -13.28
C ALA A 66 6.85 -3.87 -13.21
N LEU A 67 5.75 -4.41 -12.68
CA LEU A 67 5.61 -5.85 -12.57
C LEU A 67 5.40 -6.46 -13.97
N GLY A 68 5.44 -5.60 -14.99
CA GLY A 68 5.26 -6.05 -16.38
C GLY A 68 3.85 -6.57 -16.68
N CYS A 69 2.82 -5.92 -16.13
CA CYS A 69 1.44 -6.26 -16.45
C CYS A 69 0.98 -5.41 -17.65
N ARG A 70 0.42 -6.06 -18.67
CA ARG A 70 0.01 -5.37 -19.89
C ARG A 70 -1.52 -5.32 -20.03
N ILE A 71 -2.23 -6.06 -19.18
CA ILE A 71 -3.69 -6.04 -19.15
C ILE A 71 -4.22 -6.37 -17.75
N CYS A 72 -5.13 -5.50 -17.25
CA CYS A 72 -5.85 -5.69 -15.99
C CYS A 72 -7.31 -5.26 -16.16
N LEU A 73 -8.16 -5.62 -15.20
CA LEU A 73 -9.61 -5.50 -15.35
C LEU A 73 -10.17 -4.34 -14.55
N GLY A 74 -11.34 -3.85 -14.98
CA GLY A 74 -12.24 -3.01 -14.22
C GLY A 74 -13.64 -3.65 -14.23
N ASN A 75 -14.53 -3.19 -13.36
CA ASN A 75 -15.84 -3.81 -13.29
C ASN A 75 -16.92 -2.76 -13.48
N THR A 76 -17.77 -2.99 -14.49
CA THR A 76 -18.81 -2.10 -14.95
C THR A 76 -19.78 -1.78 -13.82
N TYR A 77 -20.17 -2.80 -13.05
CA TYR A 77 -21.16 -2.56 -12.01
C TYR A 77 -20.64 -1.48 -11.06
N HIS A 78 -19.52 -1.75 -10.39
CA HIS A 78 -19.01 -0.83 -9.40
C HIS A 78 -18.75 0.54 -10.03
N LEU A 79 -18.02 0.56 -11.16
CA LEU A 79 -17.59 1.81 -11.78
C LEU A 79 -18.79 2.55 -12.38
N GLY A 80 -19.81 1.81 -12.78
CA GLY A 80 -21.04 2.38 -13.31
C GLY A 80 -21.75 3.21 -12.25
N LEU A 81 -21.85 2.66 -11.03
CA LEU A 81 -22.45 3.36 -9.91
C LEU A 81 -21.54 4.50 -9.46
N ARG A 82 -20.34 4.14 -9.02
CA ARG A 82 -19.35 5.14 -8.63
C ARG A 82 -18.05 4.87 -9.39
N PRO A 83 -17.48 5.87 -10.10
CA PRO A 83 -17.89 7.27 -9.99
C PRO A 83 -19.00 7.73 -10.93
N GLY A 84 -19.41 6.84 -11.85
CA GLY A 84 -20.43 7.17 -12.84
C GLY A 84 -19.83 7.26 -14.24
N PRO A 85 -20.51 6.77 -15.31
CA PRO A 85 -19.92 6.73 -16.65
C PRO A 85 -19.57 8.12 -17.16
N GLU A 86 -20.41 9.12 -16.88
CA GLU A 86 -20.21 10.47 -17.37
C GLU A 86 -18.87 11.04 -16.90
N LEU A 87 -18.58 10.83 -15.61
CA LEU A 87 -17.38 11.36 -14.97
C LEU A 87 -16.13 10.77 -15.65
N ILE A 88 -16.13 9.44 -15.84
CA ILE A 88 -14.99 8.77 -16.44
C ILE A 88 -14.77 9.23 -17.88
N GLN A 89 -15.86 9.55 -18.59
CA GLN A 89 -15.77 10.04 -19.95
C GLN A 89 -15.06 11.39 -19.93
N LYS A 90 -15.46 12.26 -18.99
CA LYS A 90 -14.85 13.56 -18.86
C LYS A 90 -13.39 13.40 -18.44
N ALA A 91 -13.04 12.19 -17.99
CA ALA A 91 -11.74 11.91 -17.41
C ALA A 91 -10.82 11.21 -18.42
N ASN A 92 -11.19 11.27 -19.70
CA ASN A 92 -10.39 10.66 -20.77
C ASN A 92 -10.50 9.14 -20.70
N GLY A 93 -11.64 8.65 -20.19
CA GLY A 93 -11.88 7.22 -20.14
C GLY A 93 -11.21 6.56 -18.94
N LEU A 94 -11.51 5.28 -18.74
CA LEU A 94 -10.92 4.51 -17.65
C LEU A 94 -9.41 4.57 -17.74
N HIS A 95 -8.90 4.59 -18.98
CA HIS A 95 -7.46 4.67 -19.22
C HIS A 95 -6.89 5.91 -18.52
N GLY A 96 -7.41 7.07 -18.91
CA GLY A 96 -6.94 8.33 -18.38
C GLY A 96 -7.11 8.41 -16.87
N PHE A 97 -8.30 8.01 -16.40
CA PHE A 97 -8.71 8.13 -15.02
C PHE A 97 -7.64 7.54 -14.10
N MET A 98 -7.29 6.28 -14.37
CA MET A 98 -6.41 5.56 -13.47
C MET A 98 -4.97 5.62 -13.97
N ASN A 99 -4.77 6.31 -15.10
CA ASN A 99 -3.45 6.61 -15.60
C ASN A 99 -2.75 5.29 -15.99
N TRP A 100 -3.54 4.37 -16.55
CA TRP A 100 -3.00 3.11 -16.99
C TRP A 100 -2.69 3.22 -18.48
N PRO A 101 -1.39 3.10 -18.86
CA PRO A 101 -1.00 3.08 -20.27
C PRO A 101 -1.50 1.87 -21.06
N HIS A 102 -1.59 0.70 -20.41
CA HIS A 102 -1.81 -0.55 -21.14
C HIS A 102 -3.28 -0.98 -21.17
N ASN A 103 -3.53 -2.19 -21.69
CA ASN A 103 -4.86 -2.69 -22.00
C ASN A 103 -5.72 -2.88 -20.75
N LEU A 104 -7.02 -2.60 -20.94
CA LEU A 104 -8.04 -2.78 -19.91
C LEU A 104 -9.16 -3.67 -20.46
N LEU A 105 -9.55 -4.67 -19.67
CA LEU A 105 -10.71 -5.49 -19.96
C LEU A 105 -11.78 -5.22 -18.91
N THR A 106 -13.06 -5.18 -19.29
CA THR A 106 -14.12 -4.80 -18.36
C THR A 106 -15.22 -5.85 -18.28
N ASP A 107 -15.43 -6.41 -17.08
CA ASP A 107 -16.53 -7.34 -16.86
C ASP A 107 -17.86 -6.57 -16.92
N SER A 108 -18.90 -7.22 -17.45
CA SER A 108 -20.18 -6.59 -17.77
C SER A 108 -20.92 -6.21 -16.49
N GLY A 109 -20.79 -7.04 -15.47
CA GLY A 109 -21.60 -6.90 -14.28
C GLY A 109 -22.38 -8.19 -14.08
N GLY A 110 -22.06 -9.17 -14.93
CA GLY A 110 -22.67 -10.48 -14.86
C GLY A 110 -22.37 -11.16 -13.54
N PHE A 111 -21.09 -11.12 -13.14
CA PHE A 111 -20.66 -11.90 -11.99
C PHE A 111 -21.43 -11.44 -10.76
N GLN A 112 -21.79 -10.16 -10.76
CA GLN A 112 -22.39 -9.55 -9.59
C GLN A 112 -23.68 -10.30 -9.24
N MET A 113 -24.33 -10.87 -10.25
CA MET A 113 -25.53 -11.65 -10.03
C MET A 113 -25.29 -12.74 -8.98
N VAL A 114 -24.19 -13.48 -9.10
CA VAL A 114 -23.89 -14.53 -8.13
C VAL A 114 -23.54 -13.94 -6.76
N SER A 115 -22.55 -13.03 -6.73
CA SER A 115 -22.07 -12.44 -5.49
C SER A 115 -23.16 -11.60 -4.81
N LEU A 116 -23.91 -10.83 -5.62
CA LEU A 116 -25.01 -10.04 -5.08
C LEU A 116 -26.35 -10.71 -5.36
N VAL A 117 -26.42 -12.04 -5.24
CA VAL A 117 -27.64 -12.78 -5.54
C VAL A 117 -28.78 -12.21 -4.70
N SER A 118 -28.45 -11.80 -3.47
CA SER A 118 -29.41 -11.29 -2.50
C SER A 118 -30.09 -10.03 -3.03
N LEU A 119 -29.31 -9.14 -3.67
CA LEU A 119 -29.84 -7.86 -4.10
C LEU A 119 -30.29 -7.93 -5.56
N SER A 120 -30.29 -9.13 -6.15
CA SER A 120 -30.50 -9.24 -7.59
C SER A 120 -31.91 -9.72 -7.95
N GLU A 121 -32.58 -8.96 -8.83
CA GLU A 121 -33.85 -9.38 -9.42
C GLU A 121 -33.66 -9.48 -10.93
N VAL A 122 -34.06 -10.60 -11.53
CA VAL A 122 -33.80 -10.86 -12.94
C VAL A 122 -35.09 -10.78 -13.76
N THR A 123 -35.10 -9.92 -14.77
CA THR A 123 -36.11 -10.01 -15.81
C THR A 123 -35.36 -10.08 -17.15
N GLU A 124 -36.12 -10.41 -18.19
CA GLU A 124 -35.58 -10.40 -19.54
C GLU A 124 -35.02 -9.01 -19.86
N GLU A 125 -35.63 -7.97 -19.27
CA GLU A 125 -35.16 -6.62 -19.60
C GLU A 125 -33.73 -6.42 -19.13
N GLY A 126 -33.42 -6.89 -17.91
CA GLY A 126 -32.08 -6.75 -17.37
C GLY A 126 -31.97 -7.26 -15.93
N VAL A 127 -30.97 -6.74 -15.23
CA VAL A 127 -30.76 -7.08 -13.83
C VAL A 127 -30.99 -5.81 -13.01
N ARG A 128 -31.91 -5.89 -12.04
CA ARG A 128 -32.16 -4.80 -11.12
C ARG A 128 -31.30 -5.01 -9.88
N PHE A 129 -30.50 -3.98 -9.55
CA PHE A 129 -29.58 -4.06 -8.42
C PHE A 129 -29.94 -2.97 -7.42
N ARG A 130 -30.06 -3.36 -6.16
CA ARG A 130 -30.29 -2.40 -5.09
C ARG A 130 -29.13 -2.50 -4.12
N SER A 131 -28.81 -1.39 -3.44
CA SER A 131 -27.86 -1.53 -2.35
C SER A 131 -28.51 -1.27 -1.00
N PRO A 132 -28.22 -2.08 0.04
CA PRO A 132 -28.93 -1.96 1.31
C PRO A 132 -28.79 -0.56 1.89
N TYR A 133 -27.60 0.04 1.73
CA TYR A 133 -27.29 1.36 2.25
C TYR A 133 -28.20 2.42 1.63
N ASP A 134 -28.35 2.39 0.30
CA ASP A 134 -29.12 3.43 -0.40
C ASP A 134 -30.28 2.81 -1.18
N GLY A 135 -31.48 3.36 -0.97
CA GLY A 135 -32.68 2.92 -1.64
C GLY A 135 -32.51 2.92 -3.15
N ASN A 136 -31.85 3.95 -3.67
CA ASN A 136 -31.59 4.13 -5.10
C ASN A 136 -31.19 2.82 -5.76
N GLU A 137 -31.82 2.50 -6.91
CA GLU A 137 -31.62 1.23 -7.59
C GLU A 137 -31.10 1.46 -8.99
N THR A 138 -30.60 0.38 -9.61
CA THR A 138 -30.00 0.41 -10.94
C THR A 138 -30.51 -0.78 -11.75
N LEU A 139 -31.01 -0.50 -12.96
CA LEU A 139 -31.24 -1.58 -13.91
C LEU A 139 -29.99 -1.70 -14.79
N LEU A 140 -29.56 -2.95 -14.99
CA LEU A 140 -28.48 -3.26 -15.92
C LEU A 140 -29.03 -4.05 -17.10
N SER A 141 -29.47 -3.33 -18.13
CA SER A 141 -29.85 -3.94 -19.39
C SER A 141 -28.57 -4.12 -20.21
N PRO A 142 -28.45 -5.14 -21.08
CA PRO A 142 -27.29 -5.25 -21.93
C PRO A 142 -26.90 -3.88 -22.47
N GLU A 143 -27.87 -3.08 -22.90
CA GLU A 143 -27.57 -1.81 -23.55
C GLU A 143 -26.80 -0.90 -22.60
N LYS A 144 -27.26 -0.82 -21.34
CA LYS A 144 -26.62 0.05 -20.35
C LYS A 144 -25.21 -0.45 -20.07
N SER A 145 -25.05 -1.77 -19.94
CA SER A 145 -23.74 -2.33 -19.65
C SER A 145 -22.77 -1.91 -20.76
N VAL A 146 -23.23 -2.02 -22.01
CA VAL A 146 -22.41 -1.63 -23.15
C VAL A 146 -22.16 -0.12 -23.11
N GLN A 147 -23.19 0.68 -22.82
CA GLN A 147 -23.02 2.13 -22.83
C GLN A 147 -21.89 2.51 -21.87
N ILE A 148 -21.96 1.97 -20.65
CA ILE A 148 -20.95 2.24 -19.65
C ILE A 148 -19.57 1.84 -20.18
N GLN A 149 -19.48 0.63 -20.75
CA GLN A 149 -18.19 0.11 -21.21
C GLN A 149 -17.63 0.97 -22.33
N ASN A 150 -18.51 1.47 -23.21
CA ASN A 150 -18.10 2.30 -24.34
C ASN A 150 -17.49 3.60 -23.83
N ALA A 151 -18.11 4.17 -22.78
CA ALA A 151 -17.60 5.39 -22.17
C ALA A 151 -16.23 5.16 -21.54
N LEU A 152 -16.07 4.03 -20.82
CA LEU A 152 -14.82 3.72 -20.12
C LEU A 152 -13.68 3.56 -21.13
N GLY A 153 -13.98 2.92 -22.27
CA GLY A 153 -13.01 2.81 -23.35
C GLY A 153 -12.05 1.65 -23.15
N SER A 154 -12.47 0.67 -22.34
CA SER A 154 -11.71 -0.56 -22.15
C SER A 154 -11.49 -1.25 -23.49
N ASP A 155 -10.27 -1.79 -23.70
CA ASP A 155 -9.92 -2.43 -24.96
C ASP A 155 -10.78 -3.66 -25.22
N ILE A 156 -11.03 -4.43 -24.16
CA ILE A 156 -11.91 -5.58 -24.24
C ILE A 156 -13.10 -5.35 -23.31
N ILE A 157 -14.31 -5.41 -23.86
CA ILE A 157 -15.55 -5.25 -23.11
C ILE A 157 -16.26 -6.61 -23.10
N MET A 158 -17.14 -6.82 -22.14
CA MET A 158 -17.79 -8.12 -22.04
C MET A 158 -19.30 -7.95 -22.12
N GLN A 159 -19.94 -8.94 -22.75
CA GLN A 159 -21.40 -9.05 -22.86
C GLN A 159 -21.99 -9.25 -21.48
N LEU A 160 -23.12 -8.58 -21.21
CA LEU A 160 -23.86 -8.88 -20.00
C LEU A 160 -24.58 -10.21 -20.22
N ASP A 161 -24.37 -11.15 -19.30
CA ASP A 161 -24.96 -12.47 -19.44
C ASP A 161 -25.79 -12.78 -18.21
N ASP A 162 -26.82 -13.63 -18.35
CA ASP A 162 -27.55 -14.08 -17.17
C ASP A 162 -26.69 -15.13 -16.47
N VAL A 163 -25.97 -14.70 -15.44
CA VAL A 163 -25.05 -15.59 -14.73
C VAL A 163 -25.79 -16.27 -13.58
N VAL A 164 -25.89 -17.59 -13.67
CA VAL A 164 -26.37 -18.34 -12.52
C VAL A 164 -25.18 -19.08 -11.91
N SER A 165 -25.24 -19.27 -10.60
CA SER A 165 -24.22 -19.98 -9.84
C SER A 165 -24.19 -21.44 -10.28
N SER A 166 -23.01 -22.07 -10.21
CA SER A 166 -22.83 -23.44 -10.63
C SER A 166 -23.60 -24.41 -9.72
N THR A 167 -23.77 -24.02 -8.46
CA THR A 167 -24.39 -24.88 -7.47
C THR A 167 -25.90 -25.04 -7.73
N VAL A 168 -26.55 -23.99 -8.25
CA VAL A 168 -28.00 -24.04 -8.43
C VAL A 168 -28.33 -25.01 -9.57
N THR A 169 -29.43 -25.77 -9.43
CA THR A 169 -29.98 -26.61 -10.48
C THR A 169 -31.46 -26.32 -10.63
N GLY A 170 -31.91 -26.31 -11.89
CA GLY A 170 -33.31 -26.12 -12.20
C GLY A 170 -33.48 -25.66 -13.63
N PRO A 171 -34.70 -25.27 -14.05
CA PRO A 171 -34.90 -24.65 -15.36
C PRO A 171 -34.14 -23.32 -15.35
N ARG A 172 -33.74 -22.89 -14.13
CA ARG A 172 -32.95 -21.69 -13.94
C ARG A 172 -31.71 -21.72 -14.85
N VAL A 173 -30.96 -22.82 -14.80
CA VAL A 173 -29.75 -22.95 -15.60
C VAL A 173 -30.09 -22.71 -17.06
N GLU A 174 -31.10 -23.44 -17.57
CA GLU A 174 -31.50 -23.37 -18.96
C GLU A 174 -31.98 -21.96 -19.32
N GLU A 175 -32.81 -21.36 -18.46
CA GLU A 175 -33.39 -20.06 -18.75
C GLU A 175 -32.28 -19.02 -18.88
N ALA A 176 -31.29 -19.10 -17.99
CA ALA A 176 -30.21 -18.13 -17.98
C ALA A 176 -29.34 -18.33 -19.22
N MET A 177 -29.14 -19.58 -19.61
CA MET A 177 -28.29 -19.92 -20.74
C MET A 177 -28.82 -19.29 -22.02
N TYR A 178 -30.14 -19.40 -22.25
CA TYR A 178 -30.74 -18.86 -23.46
C TYR A 178 -30.81 -17.34 -23.37
N ARG A 179 -31.11 -16.82 -22.17
CA ARG A 179 -31.21 -15.38 -21.94
C ARG A 179 -29.88 -14.74 -22.34
N SER A 180 -28.78 -15.37 -21.92
CA SER A 180 -27.43 -14.92 -22.24
C SER A 180 -27.30 -14.69 -23.74
N ILE A 181 -27.77 -15.67 -24.52
CA ILE A 181 -27.69 -15.62 -25.97
C ILE A 181 -28.40 -14.36 -26.47
N ARG A 182 -29.63 -14.13 -25.96
CA ARG A 182 -30.40 -12.97 -26.38
C ARG A 182 -29.72 -11.69 -25.91
N TRP A 183 -29.16 -11.74 -24.70
CA TRP A 183 -28.45 -10.60 -24.14
C TRP A 183 -27.22 -10.28 -24.98
N LEU A 184 -26.53 -11.33 -25.45
CA LEU A 184 -25.36 -11.18 -26.31
C LEU A 184 -25.73 -10.43 -27.58
N ASP A 185 -26.85 -10.82 -28.21
CA ASP A 185 -27.26 -10.19 -29.45
C ASP A 185 -27.59 -8.72 -29.21
N ARG A 186 -28.26 -8.45 -28.07
CA ARG A 186 -28.60 -7.09 -27.70
C ARG A 186 -27.32 -6.28 -27.46
N CYS A 187 -26.29 -6.93 -26.87
CA CYS A 187 -25.01 -6.27 -26.63
C CYS A 187 -24.32 -5.99 -27.96
N ILE A 188 -24.31 -6.99 -28.85
CA ILE A 188 -23.68 -6.82 -30.16
C ILE A 188 -24.36 -5.65 -30.85
N ALA A 189 -25.69 -5.60 -30.70
CA ALA A 189 -26.51 -4.51 -31.19
C ALA A 189 -26.09 -3.19 -30.54
N ALA A 190 -25.87 -3.23 -29.22
CA ALA A 190 -25.63 -2.02 -28.43
C ALA A 190 -24.26 -1.40 -28.73
N HIS A 191 -23.30 -2.24 -29.17
CA HIS A 191 -21.94 -1.77 -29.40
C HIS A 191 -21.94 -0.64 -30.43
N GLN A 192 -21.27 0.46 -30.09
CA GLN A 192 -21.18 1.61 -30.96
C GLN A 192 -19.72 1.93 -31.25
N ARG A 193 -18.82 1.02 -30.85
CA ARG A 193 -17.39 1.27 -30.86
C ARG A 193 -16.59 0.01 -31.19
N PRO A 194 -16.95 -0.82 -32.21
CA PRO A 194 -16.22 -2.05 -32.49
C PRO A 194 -14.76 -1.78 -32.90
N ASP A 195 -14.55 -0.64 -33.57
CA ASP A 195 -13.26 -0.19 -34.04
C ASP A 195 -12.24 -0.14 -32.90
N LYS A 196 -12.68 0.24 -31.69
CA LYS A 196 -11.78 0.51 -30.58
C LYS A 196 -11.86 -0.55 -29.49
N GLN A 197 -13.02 -1.23 -29.39
CA GLN A 197 -13.25 -2.16 -28.30
C GLN A 197 -13.72 -3.51 -28.87
N ASN A 198 -13.30 -4.60 -28.23
CA ASN A 198 -13.61 -5.94 -28.72
C ASN A 198 -14.58 -6.62 -27.76
N LEU A 199 -15.85 -6.79 -28.16
CA LEU A 199 -16.84 -7.47 -27.34
C LEU A 199 -16.50 -8.95 -27.28
N PHE A 200 -16.70 -9.59 -26.12
CA PHE A 200 -16.45 -11.02 -25.98
C PHE A 200 -17.72 -11.69 -25.47
N ALA A 201 -18.06 -12.86 -26.03
CA ALA A 201 -19.21 -13.61 -25.54
C ALA A 201 -18.77 -14.50 -24.37
N ILE A 202 -19.73 -14.91 -23.53
CA ILE A 202 -19.47 -15.74 -22.36
C ILE A 202 -20.39 -16.96 -22.42
N ILE A 203 -19.82 -18.17 -22.35
CA ILE A 203 -20.59 -19.41 -22.47
C ILE A 203 -21.20 -19.77 -21.12
N GLN A 204 -22.46 -19.35 -20.89
CA GLN A 204 -23.15 -19.61 -19.63
C GLN A 204 -23.96 -20.90 -19.70
N GLY A 205 -23.32 -22.06 -19.86
CA GLY A 205 -24.14 -23.25 -19.95
C GLY A 205 -24.42 -23.95 -18.61
N GLY A 206 -23.79 -23.49 -17.52
CA GLY A 206 -23.91 -24.19 -16.25
C GLY A 206 -23.07 -25.46 -16.25
N LEU A 207 -23.40 -26.42 -15.39
CA LEU A 207 -22.70 -27.70 -15.35
C LEU A 207 -23.41 -28.76 -16.21
N ASP A 208 -24.45 -28.33 -16.95
CA ASP A 208 -25.16 -29.23 -17.87
C ASP A 208 -24.39 -29.27 -19.18
N ALA A 209 -24.00 -30.48 -19.61
CA ALA A 209 -23.24 -30.67 -20.84
C ALA A 209 -24.06 -30.16 -22.04
N ASP A 210 -25.34 -30.54 -22.09
CA ASP A 210 -26.18 -30.24 -23.24
C ASP A 210 -26.41 -28.73 -23.36
N LEU A 211 -26.72 -28.07 -22.23
CA LEU A 211 -27.00 -26.65 -22.23
C LEU A 211 -25.74 -25.90 -22.62
N ARG A 212 -24.62 -26.25 -21.99
CA ARG A 212 -23.34 -25.60 -22.27
C ARG A 212 -23.01 -25.79 -23.74
N ALA A 213 -23.19 -27.04 -24.22
CA ALA A 213 -22.93 -27.41 -25.60
C ALA A 213 -23.81 -26.55 -26.53
N THR A 214 -25.10 -26.42 -26.18
CA THR A 214 -26.04 -25.67 -26.99
C THR A 214 -25.62 -24.21 -27.03
N CYS A 215 -25.18 -23.69 -25.88
CA CYS A 215 -24.68 -22.34 -25.74
C CYS A 215 -23.42 -22.15 -26.58
N LEU A 216 -22.56 -23.17 -26.57
CA LEU A 216 -21.35 -23.13 -27.36
C LEU A 216 -21.70 -22.92 -28.83
N GLU A 217 -22.62 -23.76 -29.37
CA GLU A 217 -23.02 -23.73 -30.76
C GLU A 217 -23.50 -22.35 -31.17
N GLU A 218 -24.57 -21.86 -30.53
CA GLU A 218 -25.25 -20.67 -31.00
C GLU A 218 -24.37 -19.43 -30.84
N MET A 219 -23.56 -19.41 -29.77
CA MET A 219 -22.81 -18.19 -29.48
C MET A 219 -21.68 -18.02 -30.47
N THR A 220 -21.03 -19.14 -30.81
CA THR A 220 -19.90 -19.14 -31.74
C THR A 220 -20.36 -18.67 -33.12
N LYS A 221 -21.68 -18.67 -33.33
CA LYS A 221 -22.27 -18.25 -34.61
C LYS A 221 -22.19 -16.73 -34.76
N ARG A 222 -21.99 -16.01 -33.65
CA ARG A 222 -21.84 -14.56 -33.73
C ARG A 222 -20.37 -14.23 -34.01
N ASP A 223 -20.12 -13.07 -34.64
CA ASP A 223 -18.77 -12.72 -35.03
C ASP A 223 -18.13 -11.76 -34.03
N VAL A 224 -18.11 -12.16 -32.75
CA VAL A 224 -17.43 -11.42 -31.69
C VAL A 224 -15.96 -11.80 -31.68
N PRO A 225 -15.02 -10.85 -31.46
CA PRO A 225 -13.58 -11.12 -31.50
C PRO A 225 -13.03 -12.24 -30.61
N GLY A 226 -13.60 -12.40 -29.41
CA GLY A 226 -13.16 -13.46 -28.51
C GLY A 226 -14.31 -14.17 -27.81
N PHE A 227 -14.00 -15.30 -27.16
CA PHE A 227 -14.99 -16.06 -26.41
C PHE A 227 -14.46 -16.36 -25.00
N ALA A 228 -15.35 -16.18 -24.00
CA ALA A 228 -15.05 -16.45 -22.61
C ALA A 228 -15.85 -17.66 -22.12
N ILE A 229 -15.34 -18.35 -21.10
CA ILE A 229 -16.07 -19.45 -20.48
C ILE A 229 -16.53 -19.01 -19.09
N GLY A 230 -17.84 -18.92 -18.90
CA GLY A 230 -18.40 -18.41 -17.65
C GLY A 230 -19.19 -19.48 -16.90
N GLY A 231 -19.67 -19.14 -15.70
CA GLY A 231 -20.49 -20.03 -14.89
C GLY A 231 -19.67 -21.06 -14.11
N LEU A 232 -18.34 -20.98 -14.17
CA LEU A 232 -17.48 -22.02 -13.61
C LEU A 232 -16.65 -21.52 -12.41
N SER A 233 -17.02 -20.38 -11.83
CA SER A 233 -16.20 -19.77 -10.78
C SER A 233 -16.58 -20.25 -9.37
N GLY A 234 -17.56 -21.15 -9.27
CA GLY A 234 -18.15 -21.55 -8.00
C GLY A 234 -17.35 -22.65 -7.30
N GLY A 235 -17.99 -23.30 -6.33
CA GLY A 235 -17.40 -24.41 -5.60
C GLY A 235 -17.77 -25.74 -6.24
N GLU A 236 -18.09 -25.71 -7.54
CA GLU A 236 -18.44 -26.91 -8.28
C GLU A 236 -17.38 -27.98 -8.05
N SER A 237 -17.79 -29.26 -8.04
CA SER A 237 -16.85 -30.36 -7.93
C SER A 237 -15.72 -30.15 -8.94
N LYS A 238 -14.49 -30.47 -8.52
CA LYS A 238 -13.31 -30.23 -9.33
C LYS A 238 -13.35 -31.08 -10.60
N SER A 239 -13.83 -32.33 -10.49
CA SER A 239 -13.95 -33.24 -11.62
C SER A 239 -14.85 -32.65 -12.69
N GLN A 240 -15.90 -31.95 -12.24
CA GLN A 240 -16.81 -31.31 -13.17
C GLN A 240 -16.19 -30.04 -13.70
N PHE A 241 -15.47 -29.32 -12.83
CA PHE A 241 -14.91 -28.03 -13.21
C PHE A 241 -14.13 -28.23 -14.51
N TRP A 242 -13.18 -29.18 -14.50
CA TRP A 242 -12.21 -29.26 -15.58
C TRP A 242 -12.88 -29.79 -16.83
N ARG A 243 -13.90 -30.65 -16.63
CA ARG A 243 -14.62 -31.26 -17.74
C ARG A 243 -15.41 -30.20 -18.51
N MET A 244 -15.97 -29.23 -17.79
CA MET A 244 -16.78 -28.20 -18.43
C MET A 244 -15.88 -27.22 -19.16
N VAL A 245 -14.65 -27.05 -18.64
CA VAL A 245 -13.62 -26.29 -19.32
C VAL A 245 -13.28 -26.99 -20.63
N ALA A 246 -12.95 -28.29 -20.53
CA ALA A 246 -12.55 -29.16 -21.64
C ALA A 246 -13.63 -29.18 -22.72
N LEU A 247 -14.89 -29.35 -22.31
CA LEU A 247 -16.03 -29.32 -23.22
C LEU A 247 -16.02 -28.00 -23.99
N SER A 248 -15.82 -26.89 -23.28
CA SER A 248 -15.96 -25.56 -23.84
C SER A 248 -14.87 -25.29 -24.88
N THR A 249 -13.62 -25.56 -24.49
CA THR A 249 -12.44 -25.29 -25.30
C THR A 249 -12.43 -26.17 -26.55
N SER A 250 -12.99 -27.39 -26.42
CA SER A 250 -12.98 -28.39 -27.48
C SER A 250 -13.87 -27.95 -28.63
N ARG A 251 -14.71 -26.93 -28.40
CA ARG A 251 -15.71 -26.54 -29.37
C ARG A 251 -15.56 -25.07 -29.74
N LEU A 252 -14.61 -24.38 -29.09
CA LEU A 252 -14.41 -22.96 -29.30
C LEU A 252 -13.44 -22.77 -30.45
N PRO A 253 -13.55 -21.67 -31.23
CA PRO A 253 -12.66 -21.45 -32.38
C PRO A 253 -11.23 -21.38 -31.86
N LYS A 254 -10.31 -22.06 -32.55
CA LYS A 254 -8.92 -22.11 -32.13
C LYS A 254 -8.23 -20.80 -32.47
N ASP A 255 -8.74 -20.15 -33.52
CA ASP A 255 -8.13 -18.95 -34.08
C ASP A 255 -8.61 -17.72 -33.32
N LYS A 256 -9.38 -17.96 -32.25
CA LYS A 256 -9.86 -16.89 -31.39
C LYS A 256 -9.52 -17.22 -29.93
N PRO A 257 -9.30 -16.20 -29.07
CA PRO A 257 -9.06 -16.41 -27.64
C PRO A 257 -10.08 -17.26 -26.91
N ARG A 258 -9.59 -17.96 -25.88
CA ARG A 258 -10.42 -18.65 -24.89
C ARG A 258 -10.12 -18.06 -23.51
N TYR A 259 -11.07 -17.27 -23.00
CA TYR A 259 -10.95 -16.55 -21.74
C TYR A 259 -11.81 -17.25 -20.68
N LEU A 260 -11.15 -17.87 -19.69
CA LEU A 260 -11.84 -18.49 -18.56
C LEU A 260 -11.89 -17.47 -17.43
N MET A 261 -13.10 -17.22 -16.90
CA MET A 261 -13.28 -16.12 -15.96
C MET A 261 -13.50 -16.67 -14.55
N GLY A 262 -12.90 -15.99 -13.56
CA GLY A 262 -13.03 -16.32 -12.15
C GLY A 262 -12.04 -17.38 -11.69
N VAL A 263 -10.89 -17.55 -12.41
CA VAL A 263 -9.92 -18.58 -12.06
C VAL A 263 -8.54 -17.96 -11.92
N GLY A 264 -7.89 -18.16 -10.76
CA GLY A 264 -6.56 -17.61 -10.52
C GLY A 264 -5.72 -18.41 -9.53
N TYR A 265 -6.12 -19.66 -9.24
CA TYR A 265 -5.33 -20.53 -8.39
C TYR A 265 -4.31 -21.23 -9.26
N ALA A 266 -3.13 -21.58 -8.69
CA ALA A 266 -2.01 -22.00 -9.53
C ALA A 266 -2.33 -23.31 -10.25
N THR A 267 -2.71 -24.34 -9.49
CA THR A 267 -2.94 -25.64 -10.09
C THR A 267 -4.06 -25.53 -11.12
N ASP A 268 -5.08 -24.72 -10.81
CA ASP A 268 -6.17 -24.40 -11.74
C ASP A 268 -5.61 -23.78 -13.02
N LEU A 269 -4.63 -22.88 -12.88
CA LEU A 269 -4.17 -22.09 -14.02
C LEU A 269 -3.32 -22.94 -14.96
N VAL A 270 -2.45 -23.77 -14.38
CA VAL A 270 -1.55 -24.64 -15.12
C VAL A 270 -2.38 -25.59 -15.98
N VAL A 271 -3.35 -26.25 -15.33
CA VAL A 271 -4.20 -27.26 -15.92
C VAL A 271 -5.06 -26.67 -17.03
N CYS A 272 -5.70 -25.51 -16.77
CA CYS A 272 -6.59 -24.90 -17.75
C CYS A 272 -5.86 -24.36 -18.97
N VAL A 273 -4.58 -24.03 -18.83
CA VAL A 273 -3.78 -23.70 -20.00
C VAL A 273 -3.63 -24.96 -20.84
N ALA A 274 -3.42 -26.11 -20.16
CA ALA A 274 -3.25 -27.39 -20.83
C ALA A 274 -4.57 -27.83 -21.46
N LEU A 275 -5.68 -27.26 -20.97
CA LEU A 275 -6.99 -27.57 -21.51
C LEU A 275 -7.36 -26.52 -22.56
N GLY A 276 -6.40 -25.67 -22.95
CA GLY A 276 -6.62 -24.77 -24.07
C GLY A 276 -7.02 -23.35 -23.69
N CYS A 277 -6.92 -22.97 -22.41
CA CYS A 277 -7.36 -21.62 -22.08
C CYS A 277 -6.25 -20.61 -22.34
N ASP A 278 -6.62 -19.34 -22.64
CA ASP A 278 -5.66 -18.32 -23.04
C ASP A 278 -5.66 -17.12 -22.10
N MET A 279 -6.78 -16.84 -21.44
CA MET A 279 -6.88 -15.67 -20.58
C MET A 279 -7.59 -16.06 -19.29
N PHE A 280 -7.24 -15.40 -18.17
CA PHE A 280 -7.88 -15.64 -16.88
C PHE A 280 -7.96 -14.34 -16.10
N ASP A 281 -8.99 -14.21 -15.24
CA ASP A 281 -8.94 -13.20 -14.18
C ASP A 281 -9.39 -13.80 -12.85
N CYS A 282 -8.85 -13.23 -11.77
CA CYS A 282 -9.20 -13.62 -10.41
C CYS A 282 -8.84 -12.50 -9.43
N VAL A 283 -9.68 -12.33 -8.40
CA VAL A 283 -9.41 -11.37 -7.34
C VAL A 283 -8.56 -12.02 -6.25
N PHE A 284 -8.44 -13.36 -6.30
CA PHE A 284 -7.77 -14.14 -5.28
C PHE A 284 -6.39 -13.62 -4.90
N PRO A 285 -5.43 -13.39 -5.84
CA PRO A 285 -4.09 -12.96 -5.46
C PRO A 285 -4.05 -11.66 -4.64
N THR A 286 -4.84 -10.67 -5.06
CA THR A 286 -4.88 -9.36 -4.44
C THR A 286 -5.56 -9.42 -3.07
N ARG A 287 -6.57 -10.30 -2.94
CA ARG A 287 -7.33 -10.44 -1.71
C ARG A 287 -6.51 -11.22 -0.70
N THR A 288 -6.03 -12.40 -1.10
CA THR A 288 -5.18 -13.24 -0.28
C THR A 288 -4.07 -12.38 0.33
N ALA A 289 -3.62 -11.38 -0.43
CA ALA A 289 -2.60 -10.47 0.02
C ALA A 289 -3.16 -9.56 1.11
N ARG A 290 -4.36 -9.03 0.89
CA ARG A 290 -4.93 -8.17 1.90
C ARG A 290 -5.37 -8.98 3.12
N PHE A 291 -5.26 -10.31 3.05
CA PHE A 291 -5.62 -11.16 4.17
C PHE A 291 -4.37 -11.77 4.82
N GLY A 292 -3.19 -11.36 4.36
CA GLY A 292 -1.95 -11.72 5.02
C GLY A 292 -1.43 -13.11 4.64
N SER A 293 -1.70 -13.53 3.39
CA SER A 293 -1.18 -14.76 2.81
C SER A 293 -0.35 -14.41 1.57
N ALA A 294 0.77 -15.11 1.40
CA ALA A 294 1.73 -14.81 0.35
C ALA A 294 1.98 -16.06 -0.48
N LEU A 295 1.77 -15.96 -1.79
CA LEU A 295 1.77 -17.13 -2.66
C LEU A 295 3.20 -17.55 -3.00
N VAL A 296 3.48 -18.85 -2.82
CA VAL A 296 4.76 -19.45 -3.10
C VAL A 296 4.55 -20.65 -4.03
N PRO A 297 5.61 -21.18 -4.69
CA PRO A 297 5.51 -22.41 -5.46
C PRO A 297 4.88 -23.54 -4.65
N THR A 298 5.20 -23.62 -3.36
CA THR A 298 4.63 -24.63 -2.49
C THR A 298 3.38 -24.09 -1.83
N GLY A 299 2.43 -23.61 -2.63
CA GLY A 299 1.16 -23.16 -2.06
C GLY A 299 1.16 -21.69 -1.62
N ASN A 300 1.25 -21.44 -0.30
CA ASN A 300 1.08 -20.11 0.28
C ASN A 300 1.79 -20.03 1.64
N LEU A 301 2.02 -18.81 2.15
CA LEU A 301 2.58 -18.61 3.48
C LEU A 301 1.67 -17.69 4.28
N GLN A 302 1.06 -18.21 5.35
CA GLN A 302 0.23 -17.39 6.22
C GLN A 302 1.14 -16.57 7.14
N LEU A 303 1.50 -15.37 6.70
CA LEU A 303 2.60 -14.65 7.31
C LEU A 303 2.13 -14.02 8.64
N ARG A 304 0.81 -14.01 8.85
CA ARG A 304 0.29 -13.52 10.10
C ARG A 304 0.65 -14.50 11.22
N LYS A 305 0.88 -15.76 10.85
CA LYS A 305 1.18 -16.83 11.79
C LYS A 305 2.55 -16.60 12.42
N LYS A 306 2.72 -17.11 13.64
CA LYS A 306 3.86 -16.78 14.51
C LYS A 306 5.12 -17.53 14.08
N VAL A 307 4.96 -18.53 13.21
CA VAL A 307 6.08 -19.33 12.75
C VAL A 307 7.09 -18.45 12.01
N PHE A 308 6.62 -17.40 11.32
CA PHE A 308 7.47 -16.61 10.43
C PHE A 308 8.06 -15.40 11.14
N GLU A 309 8.31 -15.57 12.44
CA GLU A 309 8.70 -14.49 13.33
C GLU A 309 10.21 -14.28 13.27
N LYS A 310 10.95 -15.39 13.24
CA LYS A 310 12.40 -15.39 13.16
C LYS A 310 12.89 -15.90 11.80
N ASP A 311 11.99 -15.92 10.80
CA ASP A 311 12.37 -16.35 9.46
C ASP A 311 12.93 -15.13 8.73
N PHE A 312 14.24 -15.13 8.47
CA PHE A 312 14.88 -13.93 7.96
C PHE A 312 15.09 -14.00 6.46
N GLY A 313 14.53 -15.04 5.81
CA GLY A 313 14.63 -15.18 4.37
C GLY A 313 13.50 -14.45 3.65
N PRO A 314 13.55 -14.27 2.32
CA PRO A 314 12.45 -13.62 1.60
C PRO A 314 11.28 -14.59 1.52
N ILE A 315 10.16 -14.10 0.96
CA ILE A 315 8.98 -14.91 0.69
C ILE A 315 9.40 -16.08 -0.20
N ASP A 316 10.07 -15.72 -1.30
CA ASP A 316 10.54 -16.68 -2.29
C ASP A 316 11.89 -16.21 -2.79
N PRO A 317 12.98 -16.96 -2.50
CA PRO A 317 14.32 -16.55 -2.91
C PRO A 317 14.42 -16.30 -4.43
N GLU A 318 13.52 -16.95 -5.20
CA GLU A 318 13.57 -16.97 -6.65
C GLU A 318 12.69 -15.86 -7.24
N CYS A 319 11.97 -15.15 -6.39
CA CYS A 319 11.12 -14.07 -6.86
C CYS A 319 11.94 -12.81 -7.09
N THR A 320 11.54 -12.03 -8.11
CA THR A 320 12.25 -10.84 -8.53
C THR A 320 11.49 -9.59 -8.11
N CYS A 321 10.30 -9.77 -7.51
CA CYS A 321 9.43 -8.66 -7.17
C CYS A 321 10.11 -7.83 -6.08
N PRO A 322 9.82 -6.52 -5.95
CA PRO A 322 10.53 -5.69 -4.97
C PRO A 322 10.47 -6.18 -3.52
N THR A 323 9.37 -6.82 -3.14
CA THR A 323 9.16 -7.31 -1.78
C THR A 323 10.23 -8.33 -1.39
N CYS A 324 10.58 -9.20 -2.36
CA CYS A 324 11.44 -10.36 -2.15
C CYS A 324 12.92 -9.97 -2.31
N GLN A 325 13.14 -8.75 -2.81
CA GLN A 325 14.48 -8.21 -2.95
C GLN A 325 14.92 -7.56 -1.64
N LYS A 326 14.01 -6.84 -0.96
CA LYS A 326 14.44 -6.00 0.14
C LYS A 326 13.83 -6.38 1.50
N HIS A 327 12.91 -7.36 1.53
CA HIS A 327 12.20 -7.62 2.78
C HIS A 327 12.21 -9.09 3.16
N SER A 328 12.31 -9.32 4.48
CA SER A 328 12.31 -10.64 5.08
C SER A 328 10.89 -11.01 5.52
N ARG A 329 10.66 -12.32 5.68
CA ARG A 329 9.40 -12.86 6.14
C ARG A 329 9.13 -12.33 7.54
N ALA A 330 10.19 -12.23 8.35
CA ALA A 330 10.10 -11.79 9.74
C ALA A 330 9.56 -10.36 9.81
N PHE A 331 10.15 -9.47 9.00
CA PHE A 331 9.77 -8.07 9.07
C PHE A 331 8.33 -7.91 8.61
N LEU A 332 7.94 -8.64 7.56
CA LEU A 332 6.57 -8.57 7.07
C LEU A 332 5.61 -9.06 8.17
N HIS A 333 6.05 -10.10 8.90
CA HIS A 333 5.21 -10.72 9.92
C HIS A 333 4.93 -9.71 11.01
N ALA A 334 5.96 -8.92 11.34
CA ALA A 334 5.85 -7.86 12.32
C ALA A 334 5.04 -6.71 11.75
N LEU A 335 5.17 -6.43 10.45
CA LEU A 335 4.51 -5.28 9.87
C LEU A 335 3.01 -5.56 9.68
N LEU A 336 2.66 -6.83 9.45
CA LEU A 336 1.27 -7.25 9.28
C LEU A 336 0.49 -7.06 10.58
N HIS A 337 1.15 -7.25 11.73
CA HIS A 337 0.52 -6.97 13.01
C HIS A 337 0.46 -5.47 13.32
N SER A 338 1.12 -4.65 12.49
CA SER A 338 1.06 -3.20 12.71
C SER A 338 -0.26 -2.65 12.18
N ASP A 339 -0.46 -1.33 12.36
CA ASP A 339 -1.60 -0.62 11.77
C ASP A 339 -1.19 -0.08 10.41
N ASN A 340 0.08 -0.31 10.04
CA ASN A 340 0.60 0.15 8.78
C ASN A 340 0.01 -0.69 7.66
N THR A 341 -0.57 0.00 6.66
CA THR A 341 -1.14 -0.68 5.51
C THR A 341 -0.04 -1.20 4.59
N ALA A 342 1.21 -0.80 4.87
CA ALA A 342 2.33 -1.14 4.00
C ALA A 342 2.47 -2.66 3.83
N ALA A 343 2.23 -3.42 4.90
CA ALA A 343 2.32 -4.88 4.90
C ALA A 343 1.51 -5.48 3.76
N LEU A 344 0.27 -4.99 3.65
CA LEU A 344 -0.70 -5.40 2.64
C LEU A 344 -0.16 -5.11 1.24
N HIS A 345 0.49 -3.96 1.08
CA HIS A 345 0.98 -3.58 -0.24
C HIS A 345 2.13 -4.47 -0.68
N HIS A 346 3.03 -4.81 0.27
CA HIS A 346 4.17 -5.65 -0.03
C HIS A 346 3.67 -7.00 -0.56
N LEU A 347 2.60 -7.53 0.06
CA LEU A 347 2.02 -8.81 -0.32
C LEU A 347 1.26 -8.70 -1.64
N THR A 348 0.45 -7.65 -1.79
CA THR A 348 -0.24 -7.43 -3.06
C THR A 348 0.77 -7.41 -4.21
N VAL A 349 1.88 -6.70 -4.02
CA VAL A 349 2.90 -6.56 -5.04
C VAL A 349 3.42 -7.95 -5.39
N HIS A 350 3.81 -8.70 -4.36
CA HIS A 350 4.42 -10.01 -4.57
C HIS A 350 3.42 -10.96 -5.21
N ASN A 351 2.19 -10.99 -4.68
CA ASN A 351 1.20 -11.93 -5.17
C ASN A 351 0.92 -11.70 -6.67
N ILE A 352 0.88 -10.45 -7.13
CA ILE A 352 0.63 -10.21 -8.53
C ILE A 352 1.83 -10.71 -9.31
N ALA A 353 3.04 -10.53 -8.72
CA ALA A 353 4.30 -10.92 -9.32
C ALA A 353 4.36 -12.43 -9.51
N TYR A 354 3.98 -13.18 -8.48
CA TYR A 354 3.98 -14.64 -8.52
C TYR A 354 3.15 -15.12 -9.70
N GLN A 355 1.93 -14.61 -9.80
CA GLN A 355 1.00 -15.04 -10.84
C GLN A 355 1.59 -14.74 -12.22
N LEU A 356 2.20 -13.55 -12.38
CA LEU A 356 2.79 -13.16 -13.65
C LEU A 356 4.02 -14.01 -13.97
N GLN A 357 4.88 -14.21 -12.96
CA GLN A 357 6.06 -15.04 -13.12
C GLN A 357 5.63 -16.45 -13.55
N LEU A 358 4.51 -16.94 -13.00
CA LEU A 358 4.02 -18.27 -13.31
C LEU A 358 3.55 -18.35 -14.76
N MET A 359 2.76 -17.36 -15.18
CA MET A 359 2.16 -17.33 -16.51
C MET A 359 3.23 -17.13 -17.58
N SER A 360 4.18 -16.25 -17.28
CA SER A 360 5.30 -16.02 -18.18
C SER A 360 6.17 -17.27 -18.28
N ALA A 361 6.39 -17.93 -17.14
CA ALA A 361 7.14 -19.18 -17.09
C ALA A 361 6.47 -20.25 -17.95
N VAL A 362 5.13 -20.36 -17.85
CA VAL A 362 4.36 -21.35 -18.58
C VAL A 362 4.46 -21.11 -20.09
N ARG A 363 4.37 -19.84 -20.52
CA ARG A 363 4.33 -19.51 -21.94
C ARG A 363 5.63 -19.94 -22.62
N THR A 364 6.74 -19.60 -21.95
CA THR A 364 8.11 -19.96 -22.32
C THR A 364 8.23 -21.47 -22.57
N SER A 365 7.62 -22.27 -21.69
CA SER A 365 7.76 -23.71 -21.73
C SER A 365 6.97 -24.32 -22.90
N ILE A 366 5.87 -23.66 -23.27
CA ILE A 366 5.05 -24.05 -24.42
C ILE A 366 5.86 -23.79 -25.70
N VAL A 367 6.47 -22.60 -25.77
CA VAL A 367 7.29 -22.18 -26.89
C VAL A 367 8.46 -23.15 -27.06
N GLU A 368 9.03 -23.60 -25.94
CA GLU A 368 10.23 -24.42 -25.98
C GLU A 368 9.88 -25.90 -25.95
N LYS A 369 8.62 -26.26 -26.23
CA LYS A 369 8.22 -27.66 -26.35
C LYS A 369 8.65 -28.51 -25.14
N ARG A 370 8.44 -27.98 -23.93
CA ARG A 370 8.68 -28.72 -22.69
C ARG A 370 7.61 -28.36 -21.66
N PHE A 371 6.42 -28.00 -22.15
CA PHE A 371 5.29 -27.70 -21.29
C PHE A 371 4.99 -28.89 -20.38
N PRO A 372 4.89 -30.13 -20.88
CA PRO A 372 4.73 -31.30 -20.01
C PRO A 372 5.81 -31.46 -18.94
N ASP A 373 7.05 -31.15 -19.28
CA ASP A 373 8.14 -31.19 -18.31
C ASP A 373 7.91 -30.12 -17.25
N PHE A 374 7.48 -28.93 -17.71
CA PHE A 374 7.26 -27.80 -16.85
C PHE A 374 6.22 -28.14 -15.78
N VAL A 375 5.17 -28.83 -16.23
CA VAL A 375 4.02 -29.19 -15.42
C VAL A 375 4.47 -30.17 -14.34
N ARG A 376 5.33 -31.13 -14.69
CA ARG A 376 5.81 -32.09 -13.71
C ARG A 376 6.65 -31.38 -12.64
N ASP A 377 7.50 -30.44 -13.08
CA ASP A 377 8.34 -29.67 -12.16
C ASP A 377 7.43 -28.89 -11.21
N PHE A 378 6.37 -28.31 -11.78
CA PHE A 378 5.41 -27.53 -11.04
C PHE A 378 4.74 -28.38 -9.96
N MET A 379 4.31 -29.58 -10.34
CA MET A 379 3.53 -30.42 -9.44
C MET A 379 4.38 -30.94 -8.29
N GLY A 380 5.67 -31.19 -8.59
CA GLY A 380 6.63 -31.58 -7.57
C GLY A 380 6.81 -30.46 -6.53
N ALA A 381 6.77 -29.20 -6.99
CA ALA A 381 6.82 -28.05 -6.09
C ALA A 381 5.55 -28.01 -5.24
N MET A 382 4.39 -27.92 -5.91
CA MET A 382 3.13 -27.64 -5.24
C MET A 382 2.72 -28.78 -4.31
N TYR A 383 2.80 -30.02 -4.80
CA TYR A 383 2.19 -31.12 -4.06
C TYR A 383 3.23 -32.02 -3.41
N GLY A 384 4.50 -31.63 -3.49
CA GLY A 384 5.57 -32.44 -2.95
C GLY A 384 6.04 -33.44 -4.00
N ASP A 385 5.06 -34.06 -4.67
CA ASP A 385 5.37 -34.92 -5.81
C ASP A 385 4.24 -34.88 -6.83
N PRO A 386 4.48 -35.16 -8.13
CA PRO A 386 3.36 -35.51 -9.01
C PRO A 386 2.55 -36.64 -8.36
N THR A 387 3.12 -37.34 -7.36
CA THR A 387 2.46 -38.47 -6.68
C THR A 387 1.25 -38.00 -5.87
N LEU A 388 1.42 -36.88 -5.14
CA LEU A 388 0.39 -36.40 -4.23
C LEU A 388 -0.57 -35.44 -4.94
N CYS A 389 -0.42 -35.29 -6.27
CA CYS A 389 -1.30 -34.45 -7.07
C CYS A 389 -2.77 -34.84 -6.84
N PRO A 390 -3.72 -33.87 -6.77
CA PRO A 390 -5.13 -34.21 -6.61
C PRO A 390 -5.61 -34.92 -7.87
N THR A 391 -6.41 -35.98 -7.67
CA THR A 391 -6.90 -36.83 -8.74
C THR A 391 -7.50 -35.97 -9.85
N TRP A 392 -8.23 -34.92 -9.46
CA TRP A 392 -8.91 -34.10 -10.44
C TRP A 392 -7.90 -33.55 -11.45
N ALA A 393 -6.74 -33.08 -10.98
CA ALA A 393 -5.75 -32.48 -11.88
C ALA A 393 -5.10 -33.57 -12.72
N THR A 394 -4.94 -34.76 -12.12
CA THR A 394 -4.39 -35.95 -12.74
C THR A 394 -5.29 -36.38 -13.90
N ASP A 395 -6.60 -36.41 -13.64
CA ASP A 395 -7.57 -36.74 -14.67
C ASP A 395 -7.51 -35.69 -15.78
N ALA A 396 -7.52 -34.41 -15.39
CA ALA A 396 -7.57 -33.31 -16.32
C ALA A 396 -6.36 -33.35 -17.26
N LEU A 397 -5.18 -33.61 -16.68
CA LEU A 397 -3.93 -33.63 -17.42
C LEU A 397 -3.87 -34.85 -18.35
N ALA A 398 -4.30 -36.01 -17.85
CA ALA A 398 -4.22 -37.25 -18.61
C ALA A 398 -5.14 -37.20 -19.82
N SER A 399 -6.23 -36.43 -19.72
CA SER A 399 -7.21 -36.31 -20.80
C SER A 399 -6.61 -35.60 -22.01
N VAL A 400 -5.51 -34.89 -21.80
CA VAL A 400 -4.86 -34.17 -22.89
C VAL A 400 -3.39 -34.62 -22.96
N GLY A 401 -3.10 -35.76 -22.34
CA GLY A 401 -1.89 -36.50 -22.62
C GLY A 401 -0.67 -35.99 -21.86
N ILE A 402 -0.86 -35.74 -20.56
CA ILE A 402 0.22 -35.41 -19.65
C ILE A 402 0.05 -36.26 -18.41
N THR A 403 0.98 -37.22 -18.22
CA THR A 403 1.11 -37.95 -16.96
C THR A 403 2.36 -37.45 -16.23
N LEU A 404 2.47 -37.83 -14.95
CA LEU A 404 3.46 -37.24 -14.06
C LEU A 404 4.34 -38.32 -13.43
N GLY A 405 4.99 -39.14 -14.26
CA GLY A 405 5.94 -40.14 -13.81
C GLY A 405 5.27 -41.35 -13.15
N MET B 1 29.85 13.45 15.81
CA MET B 1 28.88 14.39 15.21
C MET B 1 29.38 15.81 15.45
N LYS B 2 29.38 16.63 14.39
CA LYS B 2 29.73 18.04 14.56
C LYS B 2 28.67 18.88 13.86
N LEU B 3 28.16 19.89 14.59
CA LEU B 3 27.18 20.82 14.04
C LEU B 3 27.89 22.12 13.68
N SER B 4 27.73 22.57 12.42
CA SER B 4 28.35 23.80 11.97
C SER B 4 27.24 24.73 11.46
N LEU B 5 27.28 26.00 11.86
CA LEU B 5 26.18 26.88 11.50
C LEU B 5 26.59 27.76 10.31
N THR B 6 25.81 27.66 9.23
CA THR B 6 25.98 28.47 8.04
C THR B 6 25.71 29.94 8.38
N LYS B 7 24.80 30.18 9.35
CA LYS B 7 24.30 31.50 9.68
C LYS B 7 23.37 31.40 10.89
N VAL B 8 23.09 32.54 11.53
CA VAL B 8 22.05 32.63 12.55
C VAL B 8 21.22 33.90 12.32
N VAL B 9 20.08 33.75 11.65
CA VAL B 9 19.17 34.86 11.36
C VAL B 9 18.12 34.92 12.47
N ASN B 10 17.88 36.13 13.00
CA ASN B 10 17.04 36.28 14.17
C ASN B 10 17.53 35.29 15.23
N GLY B 11 16.67 34.36 15.67
CA GLY B 11 17.07 33.29 16.57
C GLY B 11 17.22 31.95 15.85
N CYS B 12 17.17 31.98 14.52
CA CYS B 12 17.03 30.80 13.68
C CYS B 12 18.40 30.27 13.26
N ARG B 13 18.63 28.97 13.54
CA ARG B 13 19.92 28.34 13.31
C ARG B 13 19.93 27.55 12.00
N LEU B 14 20.65 28.08 10.99
CA LEU B 14 20.84 27.42 9.71
C LEU B 14 22.24 26.80 9.67
N GLY B 15 22.33 25.51 9.32
CA GLY B 15 23.61 24.83 9.28
C GLY B 15 23.52 23.39 8.79
N LYS B 16 24.61 22.63 9.00
CA LYS B 16 24.65 21.22 8.69
C LYS B 16 25.30 20.47 9.86
N ILE B 17 24.92 19.20 9.99
CA ILE B 17 25.55 18.26 10.90
C ILE B 17 26.25 17.24 10.01
N LYS B 18 27.58 17.14 10.12
CA LYS B 18 28.41 16.56 9.06
C LYS B 18 28.73 15.08 9.32
N ASN B 19 29.35 14.80 10.46
CA ASN B 19 29.85 13.46 10.67
C ASN B 19 28.80 12.64 11.42
N LEU B 20 27.75 12.20 10.71
CA LEU B 20 26.61 11.59 11.38
C LEU B 20 26.45 10.12 10.98
N GLY B 21 26.17 9.26 11.99
CA GLY B 21 25.71 7.90 11.77
C GLY B 21 26.77 6.81 11.85
N LYS B 22 27.95 7.11 12.41
CA LYS B 22 28.99 6.12 12.65
C LYS B 22 29.72 5.75 11.35
N THR B 23 28.98 5.21 10.37
CA THR B 23 29.61 4.79 9.13
C THR B 23 29.91 6.03 8.28
N GLY B 24 31.18 6.44 8.25
CA GLY B 24 31.59 7.61 7.51
C GLY B 24 30.81 8.85 7.96
N ASP B 25 30.24 9.58 6.99
CA ASP B 25 29.52 10.80 7.29
C ASP B 25 28.20 10.83 6.52
N HIS B 26 27.19 11.52 7.08
CA HIS B 26 25.92 11.74 6.41
C HIS B 26 25.49 13.17 6.72
N THR B 27 25.58 14.06 5.72
CA THR B 27 25.32 15.47 5.93
C THR B 27 23.81 15.69 6.09
N MET B 28 23.40 16.16 7.28
CA MET B 28 22.00 16.43 7.54
C MET B 28 21.83 17.92 7.82
N ASP B 29 20.79 18.53 7.24
CA ASP B 29 20.63 19.97 7.27
C ASP B 29 19.75 20.40 8.45
N ILE B 30 20.04 21.59 9.02
CA ILE B 30 19.17 22.23 9.99
C ILE B 30 18.78 23.62 9.50
N PRO B 31 17.52 24.10 9.74
CA PRO B 31 16.49 23.31 10.40
C PRO B 31 15.94 22.26 9.44
N GLY B 32 15.38 21.18 9.99
CA GLY B 32 14.93 20.06 9.19
C GLY B 32 13.93 19.19 9.95
N CYS B 33 13.44 18.14 9.29
CA CYS B 33 12.45 17.23 9.89
C CYS B 33 12.92 15.78 9.76
N LEU B 34 12.10 14.85 10.27
CA LEU B 34 12.42 13.43 10.28
C LEU B 34 11.25 12.63 9.75
N LEU B 35 11.52 11.79 8.74
CA LEU B 35 10.56 10.82 8.24
C LEU B 35 9.85 10.11 9.39
N TYR B 36 8.53 10.35 9.48
CA TYR B 36 7.68 9.75 10.48
C TYR B 36 7.35 8.33 10.02
N THR B 37 7.50 7.34 10.92
CA THR B 37 7.24 5.96 10.56
C THR B 37 6.33 5.29 11.58
N LYS B 38 5.64 4.22 11.14
CA LYS B 38 4.88 3.32 11.99
C LYS B 38 5.37 1.90 11.75
N THR B 39 5.95 1.29 12.80
CA THR B 39 6.58 -0.02 12.77
C THR B 39 7.69 -0.07 11.71
N GLY B 40 8.43 1.03 11.55
CA GLY B 40 9.64 1.04 10.73
C GLY B 40 9.37 1.24 9.23
N SER B 41 8.11 1.15 8.82
CA SER B 41 7.75 1.56 7.48
C SER B 41 7.09 2.92 7.60
N ALA B 42 7.39 3.82 6.65
CA ALA B 42 6.58 5.03 6.52
C ALA B 42 5.13 4.60 6.34
N PRO B 43 4.13 5.33 6.87
CA PRO B 43 2.74 4.87 6.85
C PRO B 43 2.23 4.78 5.42
N HIS B 44 1.73 3.59 5.05
CA HIS B 44 1.12 3.33 3.75
C HIS B 44 2.16 3.03 2.67
N LEU B 45 3.45 3.29 2.93
CA LEU B 45 4.40 3.33 1.82
C LEU B 45 5.39 2.19 1.93
N THR B 46 5.64 1.55 0.78
CA THR B 46 6.71 0.58 0.65
C THR B 46 7.94 1.33 0.14
N HIS B 47 9.11 0.66 0.09
CA HIS B 47 10.32 1.29 -0.40
C HIS B 47 10.07 2.01 -1.73
N HIS B 48 9.47 1.30 -2.70
CA HIS B 48 9.13 1.84 -4.01
C HIS B 48 8.50 3.23 -3.84
N THR B 49 7.41 3.27 -3.08
CA THR B 49 6.57 4.44 -2.92
C THR B 49 7.31 5.53 -2.16
N LEU B 50 8.16 5.11 -1.22
CA LEU B 50 8.93 6.05 -0.41
C LEU B 50 9.95 6.78 -1.29
N HIS B 51 10.73 6.01 -2.06
CA HIS B 51 11.79 6.52 -2.91
C HIS B 51 11.20 7.25 -4.12
N ASN B 52 9.87 7.17 -4.30
CA ASN B 52 9.16 7.89 -5.34
C ASN B 52 8.96 9.35 -4.92
N ILE B 53 9.41 9.69 -3.70
CA ILE B 53 9.23 10.99 -3.09
C ILE B 53 10.53 11.77 -3.13
N HIS B 54 10.45 12.99 -3.66
CA HIS B 54 11.57 13.91 -3.70
C HIS B 54 11.74 14.52 -2.32
N GLY B 55 12.99 14.56 -1.83
CA GLY B 55 13.31 15.28 -0.61
C GLY B 55 13.00 14.50 0.66
N VAL B 56 13.10 13.18 0.58
CA VAL B 56 13.01 12.33 1.76
C VAL B 56 14.14 12.72 2.71
N PRO B 57 13.85 12.98 4.00
CA PRO B 57 14.90 13.30 4.98
C PRO B 57 15.92 12.17 5.17
N ALA B 58 17.14 12.56 5.51
CA ALA B 58 18.25 11.64 5.71
C ALA B 58 17.99 10.75 6.94
N MET B 59 17.43 11.35 7.99
CA MET B 59 17.12 10.62 9.20
C MET B 59 15.63 10.31 9.22
N ALA B 60 15.30 9.17 9.83
CA ALA B 60 13.93 8.69 9.98
C ALA B 60 13.69 8.38 11.45
N GLN B 61 12.52 8.80 11.95
CA GLN B 61 12.12 8.55 13.33
C GLN B 61 11.42 7.20 13.43
N LEU B 62 11.91 6.33 14.32
CA LEU B 62 11.11 5.21 14.77
C LEU B 62 10.94 5.26 16.28
N THR B 63 10.04 4.44 16.80
CA THR B 63 9.52 4.52 18.16
C THR B 63 9.58 3.14 18.82
N LEU B 64 9.85 3.11 20.14
CA LEU B 64 9.88 1.87 20.88
C LEU B 64 8.49 1.27 20.99
N SER B 65 7.46 2.10 20.86
CA SER B 65 6.10 1.62 21.02
C SER B 65 5.87 0.42 20.12
N SER B 66 6.42 0.45 18.90
CA SER B 66 6.14 -0.56 17.89
C SER B 66 7.23 -1.63 17.88
N LEU B 67 8.45 -1.22 18.21
CA LEU B 67 9.61 -2.08 17.98
C LEU B 67 9.88 -2.95 19.20
N ALA B 68 9.53 -2.44 20.40
CA ALA B 68 9.92 -3.08 21.64
C ALA B 68 9.27 -4.45 21.77
N GLU B 69 8.02 -4.56 21.31
CA GLU B 69 7.33 -5.83 21.41
C GLU B 69 8.22 -6.92 20.81
N HIS B 70 8.94 -6.58 19.72
CA HIS B 70 9.80 -7.51 19.03
C HIS B 70 11.26 -7.37 19.45
N HIS B 71 11.51 -7.06 20.73
CA HIS B 71 12.89 -7.03 21.21
C HIS B 71 13.57 -8.35 20.85
N GLU B 72 12.91 -9.46 21.18
CA GLU B 72 13.41 -10.81 21.04
C GLU B 72 13.89 -11.05 19.61
N VAL B 73 13.00 -10.71 18.67
CA VAL B 73 13.22 -10.97 17.25
C VAL B 73 14.49 -10.23 16.84
N LEU B 74 14.59 -8.97 17.27
CA LEU B 74 15.66 -8.12 16.80
C LEU B 74 16.99 -8.58 17.40
N THR B 75 16.89 -9.11 18.62
CA THR B 75 18.04 -9.67 19.32
C THR B 75 18.58 -10.82 18.49
N GLU B 76 17.68 -11.65 17.95
CA GLU B 76 18.09 -12.80 17.15
C GLU B 76 18.64 -12.40 15.79
N TYR B 77 18.08 -11.33 15.19
CA TYR B 77 18.53 -10.85 13.88
C TYR B 77 19.99 -10.40 13.95
N LYS B 78 20.38 -9.87 15.12
CA LYS B 78 21.76 -9.53 15.42
C LYS B 78 22.34 -8.48 14.48
N GLU B 79 21.51 -7.77 13.71
CA GLU B 79 22.12 -6.89 12.73
C GLU B 79 21.53 -5.49 12.77
N GLY B 80 20.66 -5.22 13.74
CA GLY B 80 20.13 -3.87 13.88
C GLY B 80 18.95 -3.57 12.95
N VAL B 81 18.14 -2.59 13.40
CA VAL B 81 16.77 -2.43 12.94
C VAL B 81 16.75 -1.89 11.51
N GLY B 82 17.63 -0.93 11.18
CA GLY B 82 17.76 -0.42 9.82
C GLY B 82 17.72 -1.52 8.78
N LYS B 83 18.53 -2.56 8.98
CA LYS B 83 18.61 -3.62 7.99
C LYS B 83 17.36 -4.49 8.06
N PHE B 84 16.77 -4.59 9.26
CA PHE B 84 15.64 -5.48 9.48
C PHE B 84 14.41 -4.97 8.72
N ILE B 85 14.25 -3.63 8.72
CA ILE B 85 13.10 -2.96 8.17
C ILE B 85 13.39 -2.53 6.74
N GLY B 86 14.55 -2.93 6.22
CA GLY B 86 14.93 -2.55 4.87
C GLY B 86 15.05 -1.03 4.69
N MET B 87 15.61 -0.36 5.69
CA MET B 87 15.99 1.03 5.53
C MET B 87 17.46 1.17 5.92
N PRO B 88 18.40 0.46 5.25
CA PRO B 88 19.79 0.46 5.68
C PRO B 88 20.52 1.75 5.31
N GLU B 89 19.96 2.49 4.34
CA GLU B 89 20.57 3.70 3.83
C GLU B 89 20.23 4.90 4.72
N SER B 90 19.38 4.68 5.74
CA SER B 90 18.84 5.80 6.50
C SER B 90 19.46 5.88 7.90
N LEU B 91 19.62 7.11 8.38
CA LEU B 91 19.94 7.34 9.78
C LEU B 91 18.67 7.15 10.58
N LEU B 92 18.79 6.64 11.81
CA LEU B 92 17.61 6.28 12.57
C LEU B 92 17.66 6.90 13.96
N TYR B 93 16.58 7.62 14.33
CA TYR B 93 16.39 8.11 15.67
C TYR B 93 15.27 7.29 16.33
N CYS B 94 15.54 6.77 17.52
CA CYS B 94 14.53 6.02 18.25
C CYS B 94 13.93 6.90 19.34
N SER B 95 12.64 7.22 19.20
CA SER B 95 11.94 7.95 20.24
C SER B 95 11.20 6.95 21.12
N LEU B 96 10.84 7.41 22.33
CA LEU B 96 10.23 6.55 23.32
C LEU B 96 8.77 6.37 22.93
N HIS B 97 8.16 7.45 22.47
CA HIS B 97 6.73 7.45 22.22
C HIS B 97 6.49 7.83 20.76
N ASP B 98 5.37 7.35 20.22
CA ASP B 98 4.83 7.79 18.95
C ASP B 98 4.14 9.13 19.17
N PRO B 99 4.52 10.24 18.46
CA PRO B 99 3.91 11.55 18.70
C PRO B 99 2.43 11.68 18.41
N VAL B 100 1.94 10.92 17.43
CA VAL B 100 0.53 10.95 17.06
C VAL B 100 -0.32 10.46 18.23
N SER B 101 0.17 9.43 18.90
CA SER B 101 -0.53 8.89 20.09
C SER B 101 0.39 8.98 21.31
N PRO B 102 0.46 10.08 22.10
CA PRO B 102 1.24 10.09 23.34
C PRO B 102 0.32 9.96 24.55
N CYS B 103 -0.91 9.48 24.35
CA CYS B 103 -1.92 9.44 25.45
C CYS B 103 -1.58 8.55 26.64
N PRO B 104 -1.08 7.30 26.50
CA PRO B 104 -0.90 6.41 27.67
C PRO B 104 0.09 6.89 28.75
N ALA B 105 1.28 7.40 28.39
CA ALA B 105 2.21 8.06 29.35
C ALA B 105 3.20 7.23 30.17
N GLY B 106 3.31 5.91 30.04
CA GLY B 106 4.37 5.23 30.82
C GLY B 106 4.05 4.80 32.23
N TYR B 107 3.13 5.48 32.92
CA TYR B 107 2.92 5.10 34.34
C TYR B 107 4.31 5.12 34.97
N VAL B 108 5.09 6.16 34.76
CA VAL B 108 6.49 6.23 35.16
C VAL B 108 6.64 5.97 36.66
N THR B 109 7.66 5.19 37.02
CA THR B 109 8.07 4.96 38.39
C THR B 109 9.56 5.24 38.46
N ASN B 110 10.15 5.23 39.67
CA ASN B 110 11.58 5.47 39.80
C ASN B 110 12.37 4.41 39.02
N LYS B 111 11.83 3.19 38.96
CA LYS B 111 12.54 2.05 38.40
C LYS B 111 12.00 1.62 37.03
N SER B 112 10.93 2.27 36.53
CA SER B 112 10.32 1.78 35.29
C SER B 112 9.46 2.85 34.61
N VAL B 113 9.67 2.97 33.29
CA VAL B 113 8.80 3.69 32.38
C VAL B 113 8.25 2.66 31.40
N SER B 114 7.03 2.87 30.90
CA SER B 114 6.38 1.87 30.09
C SER B 114 5.79 2.45 28.81
N VAL B 115 6.24 1.97 27.66
CA VAL B 115 5.62 2.33 26.39
C VAL B 115 4.38 1.44 26.19
N TRP B 116 3.51 1.82 25.25
CA TRP B 116 2.28 1.07 25.03
C TRP B 116 2.26 0.48 23.63
N SER B 117 1.99 -0.83 23.54
CA SER B 117 2.09 -1.56 22.28
C SER B 117 0.77 -2.24 21.95
N VAL B 118 0.81 -3.16 20.98
CA VAL B 118 -0.35 -3.94 20.60
C VAL B 118 -0.58 -4.96 21.71
N ALA B 119 0.52 -5.55 22.18
CA ALA B 119 0.53 -6.51 23.27
C ALA B 119 -0.09 -5.88 24.52
N GLY B 120 0.27 -4.62 24.77
CA GLY B 120 -0.13 -3.90 25.97
C GLY B 120 1.03 -3.09 26.53
N ARG B 121 0.96 -2.74 27.82
CA ARG B 121 2.00 -1.98 28.49
C ARG B 121 3.29 -2.80 28.46
N VAL B 122 4.40 -2.19 28.02
CA VAL B 122 5.70 -2.86 28.06
C VAL B 122 6.55 -2.15 29.11
N GLU B 123 6.85 -2.84 30.22
CA GLU B 123 7.56 -2.22 31.33
C GLU B 123 9.06 -2.29 31.09
N MET B 124 9.68 -1.15 30.75
CA MET B 124 11.11 -1.10 30.51
C MET B 124 11.83 -0.51 31.73
N THR B 125 12.60 -1.35 32.42
CA THR B 125 13.62 -0.86 33.34
C THR B 125 14.80 -0.31 32.51
N VAL B 126 15.72 0.41 33.16
CA VAL B 126 16.83 1.04 32.47
C VAL B 126 17.64 -0.01 31.70
N SER B 127 17.90 -1.15 32.36
CA SER B 127 18.68 -2.24 31.80
C SER B 127 18.00 -2.77 30.53
N LYS B 128 16.69 -3.02 30.63
CA LYS B 128 15.87 -3.50 29.52
C LYS B 128 15.86 -2.45 28.40
N PHE B 129 15.71 -1.18 28.77
CA PHE B 129 15.70 -0.13 27.77
C PHE B 129 17.01 -0.16 27.00
N MET B 130 18.12 -0.28 27.72
CA MET B 130 19.45 -0.23 27.11
C MET B 130 19.71 -1.51 26.33
N ALA B 131 19.09 -2.62 26.78
CA ALA B 131 19.14 -3.90 26.09
C ALA B 131 18.49 -3.76 24.72
N ILE B 132 17.32 -3.11 24.70
CA ILE B 132 16.54 -2.93 23.49
C ILE B 132 17.34 -2.08 22.51
N GLN B 133 18.00 -1.05 23.03
CA GLN B 133 18.82 -0.17 22.22
C GLN B 133 19.97 -0.95 21.55
N LYS B 134 20.54 -1.93 22.27
CA LYS B 134 21.55 -2.83 21.74
C LYS B 134 21.01 -3.61 20.55
N ALA B 135 19.80 -4.16 20.71
CA ALA B 135 19.14 -4.90 19.65
C ALA B 135 18.91 -4.00 18.44
N LEU B 136 18.41 -2.77 18.68
CA LEU B 136 17.99 -1.87 17.61
C LEU B 136 19.20 -1.29 16.86
N GLN B 137 20.18 -0.84 17.63
CA GLN B 137 21.37 -0.14 17.13
C GLN B 137 20.96 1.09 16.31
N PRO B 138 20.21 2.07 16.87
CA PRO B 138 19.93 3.30 16.13
C PRO B 138 21.14 4.23 16.14
N ASP B 139 21.09 5.23 15.27
CA ASP B 139 22.07 6.29 15.23
C ASP B 139 21.90 7.14 16.49
N TRP B 140 20.66 7.60 16.72
CA TRP B 140 20.28 8.37 17.90
C TRP B 140 19.19 7.63 18.66
N PHE B 141 19.13 7.83 19.98
CA PHE B 141 17.98 7.37 20.76
C PHE B 141 17.73 8.35 21.89
N GLN B 142 16.45 8.67 22.09
CA GLN B 142 16.02 9.42 23.26
C GLN B 142 16.26 8.56 24.50
N CYS B 143 16.89 9.16 25.52
CA CYS B 143 17.09 8.43 26.76
C CYS B 143 15.75 8.28 27.45
N LEU B 144 15.56 7.11 28.08
CA LEU B 144 14.44 6.84 28.96
C LEU B 144 14.18 8.08 29.84
N SER B 145 12.92 8.54 29.87
CA SER B 145 12.60 9.81 30.49
C SER B 145 11.14 9.84 30.97
N ASP B 146 10.87 10.81 31.86
CA ASP B 146 9.57 11.02 32.45
C ASP B 146 8.94 12.28 31.88
N GLY B 147 7.96 12.10 31.00
CA GLY B 147 7.37 13.20 30.26
C GLY B 147 5.89 13.38 30.57
N GLU B 148 5.44 12.76 31.65
CA GLU B 148 4.03 12.67 32.02
C GLU B 148 3.46 14.03 32.39
N VAL B 149 4.33 14.99 32.73
CA VAL B 149 3.91 16.33 33.11
C VAL B 149 2.78 16.78 32.18
N SER B 150 3.07 16.80 30.87
CA SER B 150 2.20 17.32 29.84
C SER B 150 0.88 16.56 29.78
N CYS B 151 0.94 15.24 29.99
CA CYS B 151 -0.26 14.41 29.89
C CYS B 151 -1.32 14.90 30.87
N LYS B 152 -0.98 14.95 32.16
CA LYS B 152 -1.88 15.47 33.16
C LYS B 152 -1.85 17.01 33.12
N GLU B 153 -2.78 17.65 33.84
CA GLU B 153 -2.83 19.10 33.84
C GLU B 153 -2.54 19.65 35.24
N ALA B 154 -2.44 18.76 36.24
CA ALA B 154 -2.25 19.15 37.63
C ALA B 154 -0.91 19.86 37.83
N THR B 155 0.16 19.30 37.24
CA THR B 155 1.50 19.85 37.29
C THR B 155 1.86 20.30 38.72
N SER B 156 1.61 19.42 39.71
CA SER B 156 2.11 19.65 41.06
C SER B 156 3.59 19.99 40.95
N ILE B 157 4.01 21.09 41.56
CA ILE B 157 5.40 21.50 41.40
C ILE B 157 6.32 20.40 41.93
N LYS B 158 5.83 19.56 42.83
CA LYS B 158 6.63 18.45 43.29
C LYS B 158 6.69 17.34 42.23
N ARG B 159 5.63 17.20 41.42
CA ARG B 159 5.60 16.26 40.31
C ARG B 159 6.57 16.71 39.22
N VAL B 160 6.52 18.00 38.90
CA VAL B 160 7.34 18.62 37.89
C VAL B 160 8.81 18.38 38.23
N ARG B 161 9.14 18.53 39.52
CA ARG B 161 10.47 18.32 40.06
C ARG B 161 10.87 16.86 39.82
N LYS B 162 9.96 15.92 40.12
CA LYS B 162 10.28 14.51 39.97
C LYS B 162 10.57 14.19 38.51
N SER B 163 9.80 14.81 37.60
CA SER B 163 10.02 14.61 36.17
C SER B 163 11.47 14.96 35.80
N VAL B 164 12.01 16.02 36.40
CA VAL B 164 13.35 16.47 36.08
C VAL B 164 14.36 15.50 36.71
N ASP B 165 14.19 15.24 38.01
CA ASP B 165 15.11 14.38 38.76
C ASP B 165 15.14 12.97 38.16
N ARG B 166 13.95 12.42 37.87
CA ARG B 166 13.84 11.10 37.28
C ARG B 166 14.59 11.05 35.94
N SER B 167 14.39 12.07 35.12
CA SER B 167 14.96 12.09 33.78
C SER B 167 16.48 12.13 33.86
N LEU B 168 17.00 12.85 34.86
CA LEU B 168 18.44 13.00 35.05
C LEU B 168 19.04 11.70 35.58
N LEU B 169 18.33 11.04 36.50
CA LEU B 169 18.73 9.74 37.03
C LEU B 169 18.81 8.70 35.91
N PHE B 170 17.79 8.66 35.05
CA PHE B 170 17.76 7.75 33.92
C PHE B 170 18.96 8.01 33.00
N LEU B 171 19.22 9.29 32.74
CA LEU B 171 20.28 9.71 31.84
C LEU B 171 21.64 9.21 32.33
N ASP B 172 21.92 9.41 33.63
CA ASP B 172 23.19 9.02 34.23
C ASP B 172 23.35 7.51 34.26
N ASN B 173 22.27 6.76 34.55
CA ASN B 173 22.33 5.31 34.53
C ASN B 173 22.63 4.81 33.13
N CYS B 174 21.91 5.37 32.15
CA CYS B 174 22.04 4.92 30.78
C CYS B 174 23.44 5.23 30.25
N LEU B 175 24.02 6.37 30.68
CA LEU B 175 25.34 6.77 30.25
C LEU B 175 26.37 5.72 30.66
N ARG B 176 26.25 5.23 31.90
CA ARG B 176 27.14 4.21 32.42
C ARG B 176 26.97 2.92 31.62
N LEU B 177 25.71 2.53 31.38
CA LEU B 177 25.46 1.28 30.66
C LEU B 177 26.05 1.35 29.26
N GLN B 178 26.12 2.57 28.70
CA GLN B 178 26.69 2.78 27.38
C GLN B 178 28.21 2.65 27.43
N GLU B 179 28.79 3.13 28.54
CA GLU B 179 30.22 3.03 28.78
C GLU B 179 30.64 1.57 28.63
N GLU B 180 29.83 0.65 29.19
CA GLU B 180 30.22 -0.75 29.28
C GLU B 180 30.16 -1.48 27.94
N SER B 181 29.24 -1.08 27.05
CA SER B 181 29.06 -1.84 25.81
C SER B 181 29.67 -1.14 24.61
N GLU B 182 30.44 -1.92 23.82
CA GLU B 182 31.14 -1.42 22.65
C GLU B 182 30.14 -1.01 21.57
N VAL B 183 29.11 -1.84 21.37
CA VAL B 183 28.09 -1.61 20.35
C VAL B 183 27.42 -0.26 20.65
N LEU B 184 27.05 -0.08 21.92
CA LEU B 184 26.29 1.09 22.36
C LEU B 184 27.13 2.35 22.19
N GLN B 185 28.46 2.21 22.33
CA GLN B 185 29.38 3.33 22.15
C GLN B 185 29.04 4.00 20.83
N LYS B 186 28.71 3.17 19.84
CA LYS B 186 28.53 3.62 18.47
C LYS B 186 27.23 4.41 18.33
N SER B 187 26.31 4.26 19.30
CA SER B 187 25.05 5.00 19.30
C SER B 187 25.21 6.31 20.07
N VAL B 188 24.48 7.35 19.65
CA VAL B 188 24.49 8.66 20.32
C VAL B 188 23.21 8.82 21.14
N ILE B 189 23.35 9.28 22.39
CA ILE B 189 22.22 9.39 23.29
C ILE B 189 21.69 10.82 23.28
N ILE B 190 20.36 10.98 23.33
CA ILE B 190 19.72 12.28 23.34
C ILE B 190 19.12 12.54 24.73
N GLY B 191 19.57 13.64 25.36
CA GLY B 191 19.02 14.06 26.64
C GLY B 191 17.66 14.72 26.47
N VAL B 192 16.79 14.58 27.46
CA VAL B 192 15.43 15.10 27.37
C VAL B 192 15.27 16.25 28.34
N ILE B 193 15.14 17.49 27.81
CA ILE B 193 14.86 18.67 28.63
C ILE B 193 13.41 18.57 29.09
N GLU B 194 13.14 18.85 30.37
CA GLU B 194 11.80 18.68 30.92
C GLU B 194 11.49 19.89 31.82
N GLY B 195 10.51 19.75 32.73
CA GLY B 195 10.23 20.81 33.66
C GLY B 195 8.84 21.43 33.48
N GLY B 196 8.11 20.98 32.46
CA GLY B 196 6.73 21.41 32.26
C GLY B 196 6.63 22.93 32.07
N ASP B 197 5.70 23.56 32.81
CA ASP B 197 5.42 24.99 32.70
C ASP B 197 6.09 25.75 33.84
N VAL B 198 6.90 25.05 34.65
CA VAL B 198 7.59 25.76 35.71
C VAL B 198 8.94 26.23 35.18
N MET B 199 9.08 27.56 35.00
CA MET B 199 10.28 28.16 34.43
C MET B 199 11.56 27.67 35.14
N GLU B 200 11.54 27.68 36.47
CA GLU B 200 12.70 27.35 37.27
C GLU B 200 13.18 25.94 36.95
N GLU B 201 12.24 24.99 36.92
CA GLU B 201 12.58 23.58 36.73
C GLU B 201 13.02 23.36 35.28
N ARG B 202 12.50 24.18 34.36
CA ARG B 202 12.90 24.11 32.96
C ARG B 202 14.39 24.45 32.83
N LEU B 203 14.81 25.55 33.46
CA LEU B 203 16.20 26.02 33.39
C LEU B 203 17.11 25.00 34.07
N ARG B 204 16.63 24.45 35.19
CA ARG B 204 17.38 23.46 35.96
C ARG B 204 17.62 22.23 35.09
N SER B 205 16.57 21.75 34.42
CA SER B 205 16.60 20.64 33.49
C SER B 205 17.61 20.89 32.37
N ALA B 206 17.54 22.10 31.77
CA ALA B 206 18.39 22.47 30.65
C ALA B 206 19.87 22.40 31.03
N ARG B 207 20.25 23.00 32.18
CA ARG B 207 21.62 23.10 32.60
C ARG B 207 22.20 21.73 32.96
N GLU B 208 21.46 20.96 33.79
CA GLU B 208 21.95 19.69 34.30
C GLU B 208 22.14 18.70 33.15
N THR B 209 21.18 18.69 32.21
CA THR B 209 21.27 17.81 31.05
C THR B 209 22.51 18.15 30.23
N ALA B 210 22.74 19.46 30.03
CA ALA B 210 23.84 19.99 29.24
C ALA B 210 25.19 19.59 29.85
N LYS B 211 25.19 19.33 31.16
CA LYS B 211 26.38 18.94 31.90
C LYS B 211 26.80 17.54 31.48
N ARG B 212 25.87 16.78 30.90
CA ARG B 212 26.16 15.41 30.49
C ARG B 212 26.73 15.39 29.08
N PRO B 213 27.52 14.36 28.74
CA PRO B 213 28.01 14.18 27.37
C PRO B 213 26.98 13.64 26.38
N VAL B 214 25.81 14.27 26.30
CA VAL B 214 24.79 13.87 25.33
C VAL B 214 25.13 14.49 23.98
N GLY B 215 24.64 13.86 22.90
CA GLY B 215 24.89 14.33 21.54
C GLY B 215 23.92 15.42 21.10
N GLY B 216 22.73 15.42 21.73
CA GLY B 216 21.69 16.40 21.47
C GLY B 216 20.64 16.40 22.56
N PHE B 217 19.62 17.25 22.40
CA PHE B 217 18.59 17.43 23.42
C PHE B 217 17.22 17.33 22.78
N LEU B 218 16.28 16.66 23.49
CA LEU B 218 14.88 16.62 23.12
C LEU B 218 14.06 17.55 24.03
N LEU B 219 13.28 18.43 23.39
CA LEU B 219 12.45 19.39 24.09
C LEU B 219 11.03 18.83 24.25
N ASP B 220 10.78 18.25 25.43
CA ASP B 220 9.59 17.47 25.71
C ASP B 220 8.53 18.33 26.39
N GLY B 221 7.25 18.04 26.11
CA GLY B 221 6.16 18.57 26.90
C GLY B 221 5.67 19.92 26.39
N PHE B 222 6.28 20.37 25.29
CA PHE B 222 5.78 21.56 24.61
C PHE B 222 4.69 21.10 23.68
N GLN B 223 4.63 19.77 23.52
CA GLN B 223 3.58 19.17 22.72
C GLN B 223 2.27 19.59 23.38
N GLY B 224 1.41 20.25 22.62
CA GLY B 224 0.21 20.80 23.23
C GLY B 224 -0.84 21.07 22.16
N ASN B 225 -2.05 21.37 22.60
CA ASN B 225 -3.12 21.77 21.71
C ASN B 225 -2.70 23.09 21.07
N PRO B 226 -3.23 23.49 19.88
CA PRO B 226 -2.73 24.65 19.13
C PRO B 226 -2.70 25.99 19.89
N THR B 227 -3.75 26.26 20.68
CA THR B 227 -3.85 27.49 21.45
C THR B 227 -2.76 27.55 22.54
N THR B 228 -2.56 26.45 23.26
CA THR B 228 -1.65 26.40 24.39
C THR B 228 -0.24 26.87 24.03
N LEU B 229 0.25 26.51 22.83
CA LEU B 229 1.64 26.74 22.47
C LEU B 229 2.12 28.17 22.75
N GLU B 230 1.42 29.18 22.19
CA GLU B 230 1.89 30.56 22.30
C GLU B 230 2.39 30.83 23.73
N ALA B 231 1.66 30.31 24.72
CA ALA B 231 2.06 30.42 26.12
C ALA B 231 3.41 29.75 26.36
N ARG B 232 3.55 28.46 26.05
CA ARG B 232 4.76 27.71 26.34
C ARG B 232 5.89 28.14 25.41
N LEU B 233 5.55 28.97 24.42
CA LEU B 233 6.51 29.40 23.42
C LEU B 233 7.61 30.26 24.05
N ARG B 234 7.25 31.09 25.06
CA ARG B 234 8.23 31.86 25.80
C ARG B 234 9.18 30.95 26.57
N LEU B 235 8.60 29.97 27.28
CA LEU B 235 9.37 29.03 28.08
C LEU B 235 10.40 28.36 27.19
N LEU B 236 10.02 28.15 25.92
CA LEU B 236 10.87 27.45 24.97
C LEU B 236 12.20 28.17 24.81
N SER B 237 12.14 29.48 24.49
CA SER B 237 13.32 30.27 24.19
C SER B 237 14.21 30.40 25.42
N SER B 238 13.58 30.46 26.61
CA SER B 238 14.28 30.43 27.88
C SER B 238 15.20 29.21 27.95
N VAL B 239 14.69 28.07 27.49
CA VAL B 239 15.34 26.78 27.67
C VAL B 239 16.50 26.64 26.69
N THR B 240 16.24 26.97 25.41
CA THR B 240 17.23 26.82 24.35
C THR B 240 18.45 27.68 24.64
N ALA B 241 18.24 28.77 25.39
CA ALA B 241 19.30 29.66 25.80
C ALA B 241 20.34 28.90 26.62
N GLU B 242 19.88 27.88 27.36
CA GLU B 242 20.69 27.18 28.34
C GLU B 242 21.40 25.99 27.69
N LEU B 243 21.02 25.69 26.46
CA LEU B 243 21.63 24.58 25.75
C LEU B 243 22.83 25.08 24.95
N PRO B 244 23.97 24.33 24.91
CA PRO B 244 25.10 24.68 24.04
C PRO B 244 24.65 24.69 22.59
N GLU B 245 25.27 25.53 21.76
CA GLU B 245 24.83 25.71 20.38
C GLU B 245 25.42 24.66 19.44
N ASP B 246 26.49 23.99 19.87
CA ASP B 246 27.18 23.02 19.03
C ASP B 246 26.51 21.64 19.14
N LYS B 247 25.26 21.61 19.61
CA LYS B 247 24.48 20.38 19.73
C LYS B 247 23.06 20.63 19.25
N PRO B 248 22.46 19.70 18.47
CA PRO B 248 21.13 19.91 17.88
C PRO B 248 19.97 19.73 18.85
N ARG B 249 18.91 20.52 18.58
CA ARG B 249 17.72 20.61 19.41
C ARG B 249 16.54 19.94 18.70
N LEU B 250 16.05 18.83 19.29
CA LEU B 250 14.83 18.16 18.84
C LEU B 250 13.67 18.59 19.72
N ILE B 251 12.46 18.61 19.14
CA ILE B 251 11.22 18.88 19.87
C ILE B 251 10.19 17.82 19.50
N SER B 252 9.39 17.39 20.48
CA SER B 252 8.37 16.39 20.19
C SER B 252 6.97 17.01 20.19
N GLY B 253 6.14 16.50 19.27
CA GLY B 253 4.75 16.86 19.16
C GLY B 253 4.56 18.22 18.49
N VAL B 254 5.56 18.66 17.72
CA VAL B 254 5.40 19.92 17.01
C VAL B 254 5.68 19.71 15.52
N SER B 255 4.62 19.79 14.71
CA SER B 255 4.76 19.48 13.30
C SER B 255 3.92 20.40 12.41
N ARG B 256 3.00 21.14 13.05
CA ARG B 256 2.19 22.12 12.36
C ARG B 256 3.10 23.18 11.76
N PRO B 257 2.96 23.56 10.47
CA PRO B 257 3.91 24.46 9.82
C PRO B 257 4.11 25.77 10.57
N ASP B 258 3.02 26.35 11.09
CA ASP B 258 3.04 27.60 11.82
C ASP B 258 3.89 27.44 13.09
N GLU B 259 3.58 26.42 13.90
CA GLU B 259 4.28 26.16 15.14
C GLU B 259 5.74 25.84 14.84
N VAL B 260 5.97 25.19 13.71
CA VAL B 260 7.32 24.81 13.31
C VAL B 260 8.16 26.09 13.14
N LEU B 261 7.68 27.03 12.32
CA LEU B 261 8.41 28.27 12.06
C LEU B 261 8.79 28.93 13.38
N GLU B 262 7.81 29.05 14.29
CA GLU B 262 8.02 29.72 15.56
C GLU B 262 9.11 29.03 16.38
N CYS B 263 9.12 27.69 16.41
CA CYS B 263 10.11 26.98 17.21
C CYS B 263 11.51 27.19 16.64
N ILE B 264 11.60 27.33 15.31
CA ILE B 264 12.86 27.64 14.66
C ILE B 264 13.35 29.00 15.15
N GLU B 265 12.42 29.96 15.28
CA GLU B 265 12.70 31.29 15.81
C GLU B 265 13.35 31.19 17.20
N ARG B 266 12.91 30.19 17.98
CA ARG B 266 13.40 29.99 19.33
C ARG B 266 14.53 28.95 19.36
N GLY B 267 15.15 28.70 18.20
CA GLY B 267 16.40 27.96 18.09
C GLY B 267 16.24 26.45 18.22
N VAL B 268 15.10 25.93 17.70
CA VAL B 268 14.86 24.50 17.59
C VAL B 268 15.25 24.08 16.18
N ASP B 269 15.77 22.86 16.04
CA ASP B 269 16.45 22.44 14.82
C ASP B 269 15.71 21.32 14.10
N LEU B 270 15.14 20.35 14.86
CA LEU B 270 14.63 19.13 14.24
C LEU B 270 13.21 18.84 14.73
N PHE B 271 12.38 18.36 13.79
CA PHE B 271 10.93 18.22 13.94
C PHE B 271 10.47 16.85 13.43
N GLU B 272 9.35 16.37 14.00
CA GLU B 272 8.71 15.16 13.53
C GLU B 272 7.79 15.51 12.36
N SER B 273 7.62 14.57 11.42
CA SER B 273 6.81 14.87 10.25
C SER B 273 5.49 14.12 10.31
N PHE B 274 4.85 14.11 11.49
CA PHE B 274 3.64 13.34 11.70
C PHE B 274 2.41 14.12 11.24
N PHE B 275 2.56 15.45 11.10
CA PHE B 275 1.45 16.27 10.65
C PHE B 275 0.96 15.79 9.28
N PRO B 276 1.85 15.63 8.26
CA PRO B 276 1.41 15.11 6.96
C PRO B 276 0.67 13.78 7.05
N TYR B 277 1.05 12.95 8.02
CA TYR B 277 0.40 11.67 8.23
C TYR B 277 -1.04 11.87 8.69
N GLN B 278 -1.24 12.72 9.71
CA GLN B 278 -2.55 13.02 10.26
C GLN B 278 -3.49 13.57 9.20
N VAL B 279 -2.95 14.47 8.36
CA VAL B 279 -3.64 15.06 7.22
C VAL B 279 -4.11 13.93 6.29
N THR B 280 -3.19 13.03 5.94
CA THR B 280 -3.48 11.89 5.08
C THR B 280 -4.67 11.10 5.63
N GLU B 281 -4.67 10.88 6.95
CA GLU B 281 -5.57 9.94 7.60
C GLU B 281 -7.01 10.46 7.61
N ARG B 282 -7.17 11.78 7.45
CA ARG B 282 -8.49 12.38 7.46
C ARG B 282 -8.89 12.77 6.03
N GLY B 283 -8.15 12.22 5.06
CA GLY B 283 -8.52 12.32 3.66
C GLY B 283 -8.29 13.71 3.10
N CYS B 284 -7.29 14.39 3.66
CA CYS B 284 -6.99 15.77 3.33
C CYS B 284 -5.60 15.88 2.72
N ALA B 285 -5.37 16.98 1.99
CA ALA B 285 -4.14 17.21 1.27
C ALA B 285 -3.62 18.61 1.57
N LEU B 286 -2.30 18.72 1.80
CA LEU B 286 -1.60 19.97 2.08
C LEU B 286 -1.55 20.82 0.81
N THR B 287 -1.98 22.09 0.91
CA THR B 287 -2.12 22.94 -0.27
C THR B 287 -1.53 24.32 -0.01
N PHE B 288 -1.13 24.59 1.25
CA PHE B 288 -0.64 25.90 1.64
C PHE B 288 0.63 26.23 0.85
N SER B 289 0.87 27.53 0.62
CA SER B 289 1.97 28.02 -0.21
C SER B 289 3.24 28.26 0.62
N PHE B 290 4.39 27.95 0.02
CA PHE B 290 5.69 28.19 0.63
C PHE B 290 6.70 28.64 -0.43
N ASP B 291 6.37 28.41 -1.70
CA ASP B 291 7.27 28.71 -2.82
C ASP B 291 7.45 30.22 -2.96
N TYR B 292 8.70 30.68 -3.17
CA TYR B 292 9.00 32.12 -3.28
C TYR B 292 10.23 32.33 -4.17
N GLN B 326 -7.69 17.54 15.86
CA GLN B 326 -8.43 16.59 14.97
C GLN B 326 -9.22 17.36 13.91
N GLU B 327 -9.51 18.63 14.20
CA GLU B 327 -10.22 19.50 13.28
C GLU B 327 -9.34 19.72 12.04
N ILE B 328 -9.95 19.64 10.84
CA ILE B 328 -9.27 19.99 9.60
C ILE B 328 -8.70 21.40 9.74
N THR B 329 -7.41 21.55 9.43
CA THR B 329 -6.74 22.83 9.62
C THR B 329 -6.97 23.72 8.40
N SER B 330 -6.17 24.79 8.29
CA SER B 330 -6.28 25.77 7.22
C SER B 330 -5.28 25.47 6.10
N PHE B 331 -4.36 24.54 6.40
CA PHE B 331 -3.24 24.23 5.51
C PHE B 331 -3.64 23.27 4.40
N GLU B 332 -4.87 22.74 4.51
CA GLU B 332 -5.27 21.57 3.75
C GLU B 332 -6.67 21.75 3.16
N ILE B 333 -6.97 20.93 2.15
CA ILE B 333 -8.31 20.79 1.60
C ILE B 333 -8.78 19.37 1.91
N ASN B 334 -10.10 19.17 1.83
CA ASN B 334 -10.67 17.88 2.16
C ASN B 334 -11.22 17.25 0.88
N LEU B 335 -10.56 16.19 0.41
CA LEU B 335 -10.84 15.65 -0.91
C LEU B 335 -12.09 14.78 -0.88
N LYS B 336 -12.64 14.57 0.31
CA LYS B 336 -13.90 13.84 0.47
C LYS B 336 -15.07 14.67 -0.05
N GLU B 337 -14.89 16.01 -0.10
CA GLU B 337 -15.94 16.95 -0.45
C GLU B 337 -16.31 16.85 -1.93
N LYS B 338 -17.57 17.16 -2.23
CA LYS B 338 -18.14 16.95 -3.54
C LYS B 338 -17.60 17.96 -4.55
N LYS B 339 -17.10 19.10 -4.07
CA LYS B 339 -16.54 20.10 -4.98
C LYS B 339 -15.42 19.48 -5.80
N TYR B 340 -14.85 18.37 -5.32
CA TYR B 340 -13.68 17.78 -5.95
C TYR B 340 -14.05 16.56 -6.82
N GLN B 341 -15.33 16.19 -6.84
CA GLN B 341 -15.73 15.00 -7.57
C GLN B 341 -15.39 15.16 -9.06
N GLU B 342 -15.40 16.41 -9.54
CA GLU B 342 -15.26 16.71 -10.97
C GLU B 342 -14.10 17.67 -11.21
N ASP B 343 -13.18 17.77 -10.23
CA ASP B 343 -12.04 18.69 -10.30
C ASP B 343 -10.83 17.94 -10.85
N PHE B 344 -10.50 18.20 -12.12
CA PHE B 344 -9.50 17.41 -12.83
C PHE B 344 -8.14 18.12 -12.82
N ASN B 345 -7.94 18.98 -11.82
CA ASN B 345 -6.63 19.52 -11.55
C ASN B 345 -5.88 18.57 -10.62
N PRO B 346 -4.51 18.55 -10.65
CA PRO B 346 -3.73 17.90 -9.61
C PRO B 346 -3.97 18.55 -8.24
N LEU B 347 -3.52 17.86 -7.19
CA LEU B 347 -3.71 18.31 -5.81
C LEU B 347 -3.20 19.74 -5.65
N VAL B 348 -1.96 19.95 -6.07
CA VAL B 348 -1.35 21.26 -6.14
C VAL B 348 -0.62 21.36 -7.46
N ARG B 349 -1.01 22.38 -8.25
CA ARG B 349 -0.40 22.71 -9.51
C ARG B 349 1.10 22.88 -9.29
N GLY B 350 1.91 22.23 -10.15
CA GLY B 350 3.35 22.41 -10.12
C GLY B 350 4.09 21.49 -9.15
N CYS B 351 3.35 20.69 -8.37
CA CYS B 351 3.98 19.79 -7.41
C CYS B 351 4.51 18.56 -8.14
N SER B 352 5.82 18.29 -7.96
CA SER B 352 6.51 17.28 -8.75
C SER B 352 6.30 15.87 -8.19
N CYS B 353 5.46 15.74 -7.16
CA CYS B 353 5.22 14.44 -6.55
C CYS B 353 4.47 13.53 -7.52
N TYR B 354 4.59 12.23 -7.27
CA TYR B 354 3.94 11.20 -8.05
C TYR B 354 2.45 11.49 -8.24
N CYS B 355 1.72 11.79 -7.16
CA CYS B 355 0.27 11.93 -7.25
C CYS B 355 -0.12 13.13 -8.11
N CYS B 356 0.37 14.32 -7.76
CA CYS B 356 -0.05 15.50 -8.50
C CYS B 356 0.28 15.35 -9.99
N LYS B 357 1.48 14.83 -10.27
CA LYS B 357 1.92 14.65 -11.65
C LYS B 357 1.06 13.61 -12.38
N ASN B 358 0.67 12.50 -11.73
CA ASN B 358 0.01 11.40 -12.43
C ASN B 358 -1.50 11.30 -12.20
N HIS B 359 -2.09 12.08 -11.28
CA HIS B 359 -3.51 11.90 -10.94
C HIS B 359 -4.20 13.22 -10.61
N THR B 360 -5.54 13.20 -10.53
CA THR B 360 -6.35 14.39 -10.31
C THR B 360 -7.09 14.28 -8.99
N ARG B 361 -7.64 15.41 -8.53
CA ARG B 361 -8.40 15.48 -7.28
C ARG B 361 -9.64 14.62 -7.39
N ALA B 362 -10.29 14.72 -8.56
CA ALA B 362 -11.47 13.95 -8.90
C ALA B 362 -11.20 12.46 -8.66
N TYR B 363 -9.99 12.01 -9.02
CA TYR B 363 -9.60 10.61 -8.89
C TYR B 363 -9.43 10.24 -7.42
N ILE B 364 -8.71 11.09 -6.67
CA ILE B 364 -8.51 10.86 -5.24
C ILE B 364 -9.88 10.84 -4.55
N HIS B 365 -10.77 11.77 -4.94
CA HIS B 365 -12.10 11.88 -4.38
C HIS B 365 -12.81 10.53 -4.49
N HIS B 366 -12.74 9.94 -5.69
CA HIS B 366 -13.35 8.65 -5.93
C HIS B 366 -12.75 7.60 -4.99
N LEU B 367 -11.42 7.58 -4.90
CA LEU B 367 -10.66 6.61 -4.12
C LEU B 367 -11.09 6.62 -2.65
N LEU B 368 -11.17 7.84 -2.08
CA LEU B 368 -11.65 8.07 -0.72
C LEU B 368 -13.09 7.61 -0.57
N VAL B 369 -13.97 8.01 -1.50
CA VAL B 369 -15.41 7.79 -1.39
C VAL B 369 -15.68 6.28 -1.36
N THR B 370 -14.96 5.55 -2.22
CA THR B 370 -15.13 4.12 -2.40
C THR B 370 -14.28 3.34 -1.42
N ASN B 371 -13.55 4.06 -0.56
CA ASN B 371 -12.76 3.47 0.52
C ASN B 371 -11.70 2.53 -0.07
N GLU B 372 -10.79 3.08 -0.87
CA GLU B 372 -9.74 2.26 -1.47
C GLU B 372 -8.38 2.61 -0.87
N LEU B 373 -7.49 1.62 -0.72
CA LEU B 373 -6.23 1.86 -0.03
C LEU B 373 -5.31 2.79 -0.82
N LEU B 374 -5.56 2.96 -2.13
CA LEU B 374 -4.71 3.80 -2.95
C LEU B 374 -4.84 5.29 -2.57
N ALA B 375 -6.00 5.67 -2.03
CA ALA B 375 -6.23 7.02 -1.52
C ALA B 375 -5.09 7.39 -0.57
N GLY B 376 -4.86 6.52 0.42
CA GLY B 376 -3.88 6.74 1.49
C GLY B 376 -2.46 6.84 0.94
N VAL B 377 -2.13 5.94 0.01
CA VAL B 377 -0.79 5.86 -0.56
C VAL B 377 -0.50 7.18 -1.28
N LEU B 378 -1.46 7.62 -2.12
CA LEU B 378 -1.26 8.80 -2.94
C LEU B 378 -1.26 10.05 -2.07
N LEU B 379 -2.16 10.08 -1.07
CA LEU B 379 -2.20 11.22 -0.17
C LEU B 379 -0.90 11.30 0.64
N MET B 380 -0.46 10.18 1.22
CA MET B 380 0.76 10.17 2.00
C MET B 380 1.92 10.69 1.17
N MET B 381 2.02 10.22 -0.09
CA MET B 381 3.12 10.58 -0.96
C MET B 381 3.18 12.10 -1.16
N HIS B 382 2.03 12.71 -1.50
CA HIS B 382 1.99 14.13 -1.78
C HIS B 382 2.18 14.93 -0.48
N ASN B 383 1.51 14.50 0.58
CA ASN B 383 1.55 15.21 1.84
C ASN B 383 2.98 15.29 2.37
N PHE B 384 3.73 14.17 2.23
CA PHE B 384 5.14 14.11 2.58
C PHE B 384 5.94 15.06 1.70
N GLU B 385 5.80 14.91 0.37
CA GLU B 385 6.57 15.72 -0.57
C GLU B 385 6.32 17.22 -0.35
N HIS B 386 5.06 17.60 -0.07
CA HIS B 386 4.73 19.00 0.15
C HIS B 386 5.40 19.51 1.41
N TYR B 387 5.37 18.69 2.48
CA TYR B 387 5.95 19.00 3.77
C TYR B 387 7.47 19.09 3.66
N PHE B 388 8.06 18.18 2.87
CA PHE B 388 9.49 18.14 2.66
C PHE B 388 9.94 19.36 1.86
N GLY B 389 9.11 19.79 0.91
CA GLY B 389 9.33 21.01 0.15
C GLY B 389 9.25 22.25 1.04
N PHE B 390 8.35 22.22 2.02
CA PHE B 390 8.19 23.31 2.96
C PHE B 390 9.51 23.56 3.69
N PHE B 391 10.15 22.49 4.15
CA PHE B 391 11.39 22.64 4.90
C PHE B 391 12.48 23.18 4.00
N HIS B 392 12.48 22.75 2.74
CA HIS B 392 13.49 23.19 1.80
C HIS B 392 13.41 24.71 1.65
N TYR B 393 12.18 25.23 1.67
CA TYR B 393 11.99 26.66 1.46
C TYR B 393 12.26 27.45 2.74
N ILE B 394 12.18 26.77 3.90
CA ILE B 394 12.55 27.41 5.15
C ILE B 394 14.04 27.72 5.13
N ARG B 395 14.85 26.71 4.80
CA ARG B 395 16.30 26.85 4.80
C ARG B 395 16.68 27.91 3.76
N GLU B 396 16.01 27.85 2.61
CA GLU B 396 16.23 28.82 1.54
C GLU B 396 15.85 30.22 2.02
N ALA B 397 14.69 30.36 2.66
CA ALA B 397 14.28 31.65 3.20
C ALA B 397 15.34 32.17 4.17
N LEU B 398 15.83 31.31 5.07
CA LEU B 398 16.80 31.69 6.10
C LEU B 398 18.06 32.28 5.47
N LYS B 399 18.45 31.79 4.28
CA LYS B 399 19.68 32.25 3.64
C LYS B 399 19.50 33.68 3.16
N SER B 400 18.25 34.07 2.84
CA SER B 400 17.98 35.36 2.25
C SER B 400 17.25 36.28 3.23
N ASP B 401 17.17 35.88 4.51
CA ASP B 401 16.33 36.52 5.51
C ASP B 401 15.01 37.00 4.90
N LYS B 402 14.32 36.05 4.26
CA LYS B 402 12.97 36.26 3.76
C LYS B 402 11.98 35.41 4.56
N LEU B 403 12.34 35.05 5.80
CA LEU B 403 11.56 34.11 6.59
C LEU B 403 10.21 34.71 7.01
N ALA B 404 10.20 36.01 7.30
CA ALA B 404 8.98 36.65 7.77
C ALA B 404 7.91 36.60 6.68
N GLN B 405 8.35 36.81 5.43
CA GLN B 405 7.48 36.73 4.28
C GLN B 405 6.93 35.30 4.17
N LEU B 406 7.81 34.31 4.39
CA LEU B 406 7.40 32.91 4.40
C LEU B 406 6.31 32.72 5.46
N LYS B 407 6.56 33.16 6.70
CA LYS B 407 5.51 33.03 7.71
C LYS B 407 4.14 33.40 7.15
N GLU B 408 4.05 34.56 6.48
CA GLU B 408 2.79 35.07 5.96
C GLU B 408 2.25 34.18 4.84
N LEU B 409 3.11 33.76 3.91
CA LEU B 409 2.72 32.93 2.78
C LEU B 409 2.16 31.60 3.27
N ILE B 410 2.70 31.08 4.39
CA ILE B 410 2.27 29.83 4.99
C ILE B 410 0.83 29.98 5.49
N HIS B 411 0.53 31.11 6.14
CA HIS B 411 -0.78 31.30 6.72
C HIS B 411 -1.85 31.60 5.67
N ARG B 412 -1.49 31.54 4.37
CA ARG B 412 -2.48 31.65 3.30
C ARG B 412 -3.41 30.45 3.38
N GLN B 413 -4.72 30.66 3.14
CA GLN B 413 -5.69 29.60 3.37
C GLN B 413 -5.81 28.71 2.13
N ALA B 414 -5.65 27.39 2.33
CA ALA B 414 -5.81 26.39 1.27
C ALA B 414 -4.98 26.76 0.03
ZN ZN D . 8.12 -11.76 -4.43
C9 9DG E . -16.68 -14.01 -13.53
C8 9DG E . -16.62 -15.32 -13.15
N7 9DG E . -17.62 -16.02 -13.78
C5 9DG E . -18.33 -15.15 -14.57
C6 9DG E . -19.45 -15.33 -15.44
O6 9DG E . -20.05 -16.39 -15.66
N1 9DG E . -19.86 -14.15 -16.05
C2 9DG E . -19.26 -12.94 -15.86
N2 9DG E . -19.78 -11.90 -16.54
N3 9DG E . -18.20 -12.77 -15.07
C4 9DG E . -17.74 -13.89 -14.42
ZN ZN F . 1.96 16.51 -5.09
#